data_9C61
#
_entry.id   9C61
#
_cell.length_a   79.162
_cell.length_b   103.064
_cell.length_c   115.301
_cell.angle_alpha   90.00
_cell.angle_beta   90.00
_cell.angle_gamma   90.00
#
_symmetry.space_group_name_H-M   'P 21 21 21'
#
loop_
_entity.id
_entity.type
_entity.pdbx_description
1 polymer 'Non-specific serine/threonine protein kinase'
2 non-polymer (4R)-4-[4-(5-fluoro-1H-indol-3-yl)piperidine-1-carbonyl]piperidin-2-one
3 non-polymer 'UNKNOWN ATOM OR ION'
4 water water
#
_entity_poly.entity_id   1
_entity_poly.type   'polypeptide(L)'
_entity_poly.pdbx_seq_one_letter_code
;GGSRRILLPKNVIVECMVATHHNSRNASIWLGCGHTDRGQLSFLDLNTEGYTSEEVADSRILCLALVHLPVEKESWIVSG
TQSGTLLVINTEDGKKRHTLEKMTDSVTCLYCNSFSKQSKQKNFLLVGTADGKLAIFEDKTVKLKGAAPLKILNIGNVST
PLMCLSESTNSTERNVMWGGCGTKIFSFSNDFTIQKLIETRTSQLFSYAAFSDSNIITVVVDTALYIAKQNSPVVEVWDK
KTEKLCGLIDCVHFLREVTVKENKESKHKMSYSGRVKTLCLQKNTALWIGTGGGHILLLDLSTRRLIRVIYNFCNSVRVM
MTAQLGSLKNVMLVLGYNRKNTEGTQKQKEIQSCLTVWDINLPHEVQNLEKHIEVRKELAEKMRRTSVE
;
_entity_poly.pdbx_strand_id   A,B
#
loop_
_chem_comp.id
_chem_comp.type
_chem_comp.name
_chem_comp.formula
A1AUU non-polymer (4R)-4-[4-(5-fluoro-1H-indol-3-yl)piperidine-1-carbonyl]piperidin-2-one 'C19 H22 F N3 O2'
UNX non-polymer 'UNKNOWN ATOM OR ION' ?
#
# COMPACT_ATOMS: atom_id res chain seq x y z
N SER A 3 -20.11 -19.93 -18.29
CA SER A 3 -20.47 -18.59 -17.80
C SER A 3 -21.72 -18.03 -18.49
N ARG A 4 -22.58 -17.32 -17.71
CA ARG A 4 -23.77 -16.64 -18.22
C ARG A 4 -24.22 -15.51 -17.33
N ARG A 5 -24.81 -14.50 -17.99
CA ARG A 5 -25.28 -13.25 -17.46
C ARG A 5 -26.80 -13.23 -17.52
N ILE A 6 -27.41 -13.04 -16.34
CA ILE A 6 -28.86 -12.93 -16.15
C ILE A 6 -29.15 -11.51 -15.74
N LEU A 7 -29.82 -10.78 -16.63
CA LEU A 7 -30.24 -9.40 -16.37
C LEU A 7 -31.51 -9.42 -15.57
N LEU A 8 -31.56 -8.54 -14.57
CA LEU A 8 -32.75 -8.41 -13.72
C LEU A 8 -33.62 -7.35 -14.34
N PRO A 9 -34.95 -7.27 -14.03
CA PRO A 9 -35.75 -6.17 -14.61
C PRO A 9 -35.10 -4.80 -14.33
N LYS A 10 -35.20 -3.88 -15.28
CA LYS A 10 -34.61 -2.54 -15.16
C LYS A 10 -35.02 -1.84 -13.82
N ASN A 11 -34.02 -1.26 -13.15
CA ASN A 11 -34.06 -0.45 -11.90
C ASN A 11 -34.20 -1.27 -10.64
N VAL A 12 -34.20 -2.63 -10.75
CA VAL A 12 -34.21 -3.52 -9.59
C VAL A 12 -32.82 -3.41 -8.95
N ILE A 13 -32.76 -3.21 -7.64
CA ILE A 13 -31.50 -3.15 -6.89
C ILE A 13 -31.54 -4.28 -5.87
N VAL A 14 -30.46 -5.09 -5.78
CA VAL A 14 -30.35 -6.20 -4.85
C VAL A 14 -29.47 -5.77 -3.69
N GLU A 15 -30.00 -5.86 -2.45
CA GLU A 15 -29.27 -5.57 -1.22
C GLU A 15 -28.55 -6.85 -0.75
N CYS A 16 -29.22 -8.03 -0.93
CA CYS A 16 -28.80 -9.35 -0.43
C CYS A 16 -29.36 -10.48 -1.28
N MET A 17 -28.69 -11.64 -1.23
CA MET A 17 -28.97 -12.85 -1.98
C MET A 17 -28.73 -14.05 -1.10
N VAL A 18 -29.39 -15.14 -1.41
CA VAL A 18 -29.15 -16.45 -0.83
C VAL A 18 -29.66 -17.49 -1.88
N ALA A 19 -28.76 -18.40 -2.28
CA ALA A 19 -29.01 -19.46 -3.27
C ALA A 19 -29.75 -20.61 -2.65
N THR A 20 -30.59 -21.29 -3.45
CA THR A 20 -31.41 -22.44 -3.04
C THR A 20 -31.40 -23.53 -4.13
N ASN A 26 -35.47 -26.34 -10.09
CA ASN A 26 -34.30 -25.67 -10.67
C ASN A 26 -33.53 -24.83 -9.65
N ALA A 27 -32.26 -24.48 -10.00
CA ALA A 27 -31.37 -23.61 -9.22
C ALA A 27 -32.05 -22.23 -9.13
N SER A 28 -32.10 -21.64 -7.92
CA SER A 28 -32.81 -20.38 -7.71
C SER A 28 -32.21 -19.51 -6.63
N ILE A 29 -32.55 -18.21 -6.64
CA ILE A 29 -32.03 -17.29 -5.63
C ILE A 29 -33.11 -16.38 -5.13
N TRP A 30 -33.07 -16.14 -3.80
CA TRP A 30 -33.90 -15.22 -3.05
C TRP A 30 -33.14 -13.91 -2.99
N LEU A 31 -33.79 -12.80 -3.32
CA LEU A 31 -33.21 -11.43 -3.34
C LEU A 31 -34.04 -10.51 -2.47
N GLY A 32 -33.37 -9.68 -1.68
CA GLY A 32 -33.94 -8.62 -0.87
C GLY A 32 -33.67 -7.35 -1.65
N CYS A 33 -34.69 -6.58 -1.94
CA CYS A 33 -34.56 -5.44 -2.83
C CYS A 33 -34.22 -4.09 -2.10
N GLY A 34 -33.35 -3.31 -2.74
CA GLY A 34 -32.85 -2.03 -2.29
C GLY A 34 -33.36 -0.85 -3.09
N HIS A 35 -34.30 -1.07 -4.03
CA HIS A 35 -34.88 0.01 -4.83
C HIS A 35 -36.18 0.56 -4.20
N THR A 36 -36.44 0.19 -2.95
CA THR A 36 -37.66 0.50 -2.21
C THR A 36 -37.40 0.66 -0.70
N ASP A 37 -38.24 1.46 0.00
CA ASP A 37 -38.17 1.65 1.44
C ASP A 37 -38.99 0.59 2.21
N ARG A 38 -39.63 -0.35 1.49
CA ARG A 38 -40.36 -1.45 2.13
C ARG A 38 -39.64 -2.77 1.86
N GLY A 39 -40.14 -3.84 2.46
CA GLY A 39 -39.57 -5.18 2.36
C GLY A 39 -40.10 -5.85 1.13
N GLN A 40 -39.27 -6.01 0.12
CA GLN A 40 -39.62 -6.65 -1.14
C GLN A 40 -38.68 -7.81 -1.29
N LEU A 41 -39.25 -9.02 -1.23
CA LEU A 41 -38.52 -10.28 -1.37
C LEU A 41 -38.84 -10.81 -2.79
N SER A 42 -37.78 -11.02 -3.57
CA SER A 42 -37.80 -11.50 -4.95
C SER A 42 -37.23 -12.89 -5.07
N PHE A 43 -37.60 -13.54 -6.15
CA PHE A 43 -37.21 -14.89 -6.48
C PHE A 43 -36.86 -14.96 -7.97
N LEU A 44 -35.66 -15.45 -8.26
CA LEU A 44 -35.16 -15.63 -9.61
C LEU A 44 -34.83 -17.08 -9.88
N ASP A 45 -35.49 -17.68 -10.87
CA ASP A 45 -35.21 -19.05 -11.30
C ASP A 45 -34.01 -18.92 -12.25
N LEU A 46 -32.87 -19.50 -11.86
CA LEU A 46 -31.62 -19.34 -12.60
C LEU A 46 -31.61 -20.08 -13.91
N ASN A 47 -32.58 -20.96 -14.09
CA ASN A 47 -32.70 -21.68 -15.33
C ASN A 47 -33.56 -20.86 -16.32
N THR A 48 -34.83 -20.59 -15.98
CA THR A 48 -35.78 -19.85 -16.83
C THR A 48 -35.50 -18.35 -16.90
N GLU A 49 -34.77 -17.80 -15.89
CA GLU A 49 -34.44 -16.38 -15.65
C GLU A 49 -35.71 -15.62 -15.24
N GLY A 50 -36.74 -16.38 -14.85
CA GLY A 50 -38.02 -15.88 -14.37
C GLY A 50 -37.84 -15.16 -13.06
N TYR A 51 -38.46 -13.98 -12.96
CA TYR A 51 -38.37 -13.09 -11.80
C TYR A 51 -39.74 -12.79 -11.23
N THR A 52 -39.95 -13.07 -9.93
CA THR A 52 -41.19 -12.70 -9.23
C THR A 52 -40.81 -12.01 -7.91
N SER A 53 -41.64 -11.10 -7.40
CA SER A 53 -41.41 -10.46 -6.11
C SER A 53 -42.70 -10.15 -5.41
N GLU A 54 -42.60 -9.88 -4.11
CA GLU A 54 -43.74 -9.59 -3.26
C GLU A 54 -43.25 -8.69 -2.12
N GLU A 55 -44.07 -7.70 -1.76
CA GLU A 55 -43.85 -6.78 -0.65
C GLU A 55 -44.29 -7.58 0.58
N VAL A 56 -43.32 -8.09 1.37
CA VAL A 56 -43.58 -9.02 2.48
C VAL A 56 -43.39 -8.33 3.89
N ALA A 57 -42.77 -7.12 3.94
CA ALA A 57 -42.56 -6.41 5.22
C ALA A 57 -42.66 -4.90 5.04
N ASP A 58 -42.66 -4.17 6.15
CA ASP A 58 -42.81 -2.72 6.25
C ASP A 58 -41.51 -1.96 6.01
N SER A 59 -40.32 -2.60 6.16
CA SER A 59 -39.05 -1.89 5.92
C SER A 59 -38.12 -2.73 5.08
N ARG A 60 -37.11 -2.07 4.45
CA ARG A 60 -36.13 -2.67 3.52
C ARG A 60 -35.51 -3.92 4.09
N ILE A 61 -35.49 -4.99 3.28
CA ILE A 61 -34.84 -6.27 3.63
C ILE A 61 -33.36 -6.04 3.33
N LEU A 62 -32.53 -6.12 4.37
CA LEU A 62 -31.08 -5.91 4.29
C LEU A 62 -30.30 -7.22 4.27
N CYS A 63 -30.89 -8.30 4.86
CA CYS A 63 -30.25 -9.61 5.03
C CYS A 63 -31.15 -10.73 4.71
N LEU A 64 -30.56 -11.88 4.37
CA LEU A 64 -31.27 -13.13 4.06
C LEU A 64 -30.50 -14.38 4.51
N ALA A 65 -31.21 -15.42 4.96
CA ALA A 65 -30.58 -16.69 5.30
C ALA A 65 -31.60 -17.80 5.15
N LEU A 66 -31.16 -18.95 4.65
CA LEU A 66 -32.00 -20.12 4.54
C LEU A 66 -31.78 -20.98 5.76
N VAL A 67 -32.84 -21.27 6.49
CA VAL A 67 -32.79 -22.16 7.66
C VAL A 67 -33.41 -23.48 7.19
N HIS A 68 -32.58 -24.51 7.04
CA HIS A 68 -33.05 -25.82 6.57
C HIS A 68 -33.03 -26.79 7.74
N LEU A 69 -34.21 -27.29 8.12
CA LEU A 69 -34.40 -28.28 9.19
C LEU A 69 -34.66 -29.68 8.51
N PRO A 70 -33.62 -30.54 8.34
CA PRO A 70 -33.81 -31.82 7.62
C PRO A 70 -34.63 -32.86 8.39
N VAL A 71 -34.62 -32.76 9.73
CA VAL A 71 -35.36 -33.64 10.62
C VAL A 71 -36.87 -33.34 10.45
N GLU A 72 -37.27 -32.06 10.63
CA GLU A 72 -38.63 -31.53 10.49
C GLU A 72 -39.08 -31.55 9.02
N LYS A 73 -38.11 -31.78 8.09
CA LYS A 73 -38.23 -31.78 6.63
C LYS A 73 -38.86 -30.44 6.14
N GLU A 74 -38.27 -29.31 6.62
CA GLU A 74 -38.74 -27.97 6.29
C GLU A 74 -37.59 -26.99 6.04
N SER A 75 -37.87 -25.96 5.24
CA SER A 75 -36.94 -24.92 4.86
C SER A 75 -37.62 -23.57 5.07
N TRP A 76 -36.90 -22.59 5.62
CA TRP A 76 -37.44 -21.26 5.91
C TRP A 76 -36.50 -20.20 5.40
N ILE A 77 -37.06 -19.18 4.75
CA ILE A 77 -36.23 -18.07 4.31
C ILE A 77 -36.37 -16.95 5.42
N VAL A 78 -35.25 -16.50 6.00
CA VAL A 78 -35.26 -15.47 7.04
C VAL A 78 -34.79 -14.14 6.43
N SER A 79 -35.60 -13.09 6.63
CA SER A 79 -35.37 -11.73 6.15
C SER A 79 -35.14 -10.84 7.35
N GLY A 80 -34.04 -10.11 7.32
CA GLY A 80 -33.73 -9.17 8.37
C GLY A 80 -33.94 -7.80 7.79
N THR A 81 -34.78 -7.00 8.45
CA THR A 81 -35.16 -5.71 7.89
C THR A 81 -34.49 -4.53 8.65
N GLN A 82 -34.58 -3.33 8.01
CA GLN A 82 -34.10 -2.05 8.50
C GLN A 82 -34.69 -1.69 9.90
N SER A 83 -35.92 -2.13 10.20
CA SER A 83 -36.55 -1.78 11.49
C SER A 83 -36.23 -2.79 12.63
N GLY A 84 -35.57 -3.89 12.29
CA GLY A 84 -35.19 -4.93 13.23
C GLY A 84 -36.03 -6.17 13.12
N THR A 85 -36.93 -6.22 12.13
CA THR A 85 -37.82 -7.39 11.95
C THR A 85 -37.04 -8.59 11.42
N LEU A 86 -37.37 -9.76 11.98
CA LEU A 86 -36.87 -11.05 11.55
C LEU A 86 -38.11 -11.77 11.05
N LEU A 87 -38.41 -11.60 9.74
CA LEU A 87 -39.55 -12.24 9.08
C LEU A 87 -39.12 -13.58 8.56
N VAL A 88 -39.90 -14.59 8.88
CA VAL A 88 -39.63 -15.99 8.54
C VAL A 88 -40.76 -16.51 7.63
N ILE A 89 -40.39 -16.97 6.43
CA ILE A 89 -41.35 -17.47 5.42
C ILE A 89 -40.97 -18.90 5.01
N ASN A 90 -41.96 -19.79 4.89
CA ASN A 90 -41.71 -21.16 4.46
C ASN A 90 -41.46 -21.15 2.95
N THR A 91 -40.35 -21.75 2.51
CA THR A 91 -39.97 -21.78 1.10
C THR A 91 -40.97 -22.59 0.23
N GLU A 92 -41.72 -23.57 0.80
CA GLU A 92 -42.67 -24.39 0.05
C GLU A 92 -44.05 -23.78 0.04
N ASP A 93 -44.53 -23.31 1.20
CA ASP A 93 -45.83 -22.65 1.35
C ASP A 93 -45.58 -21.26 1.95
N GLY A 94 -45.57 -20.25 1.08
CA GLY A 94 -45.35 -18.86 1.43
C GLY A 94 -46.45 -18.25 2.30
N LYS A 95 -47.52 -18.99 2.54
CA LYS A 95 -48.62 -18.53 3.39
C LYS A 95 -48.28 -18.84 4.85
N LYS A 96 -47.31 -19.77 5.09
CA LYS A 96 -46.81 -20.12 6.41
C LYS A 96 -45.71 -19.08 6.67
N ARG A 97 -46.02 -18.06 7.47
CA ARG A 97 -45.07 -17.01 7.78
C ARG A 97 -45.39 -16.38 9.14
N HIS A 98 -44.36 -15.89 9.79
CA HIS A 98 -44.38 -15.26 11.11
C HIS A 98 -43.08 -14.50 11.30
N THR A 99 -43.01 -13.69 12.34
CA THR A 99 -41.83 -12.91 12.68
C THR A 99 -41.29 -13.47 13.98
N LEU A 100 -39.99 -13.30 14.23
CA LEU A 100 -39.42 -13.72 15.51
C LEU A 100 -39.38 -12.45 16.37
N GLU A 101 -38.80 -12.54 17.56
CA GLU A 101 -38.67 -11.37 18.40
C GLU A 101 -37.88 -10.31 17.62
N LYS A 102 -38.46 -9.10 17.50
CA LYS A 102 -37.91 -7.94 16.83
C LYS A 102 -36.65 -7.51 17.56
N MET A 103 -35.64 -7.12 16.81
CA MET A 103 -34.34 -6.65 17.28
C MET A 103 -34.42 -5.17 17.62
N THR A 104 -33.52 -4.70 18.51
CA THR A 104 -33.51 -3.33 19.03
C THR A 104 -32.96 -2.32 18.01
N ASP A 105 -32.57 -2.79 16.81
CA ASP A 105 -32.05 -1.98 15.70
C ASP A 105 -32.00 -2.84 14.43
N SER A 106 -31.65 -2.22 13.28
CA SER A 106 -31.51 -2.83 11.95
C SER A 106 -30.76 -4.13 12.00
N VAL A 107 -31.23 -5.13 11.22
CA VAL A 107 -30.59 -6.43 11.07
C VAL A 107 -29.54 -6.26 9.96
N THR A 108 -28.27 -6.28 10.33
CA THR A 108 -27.20 -6.04 9.37
C THR A 108 -26.45 -7.31 8.99
N CYS A 109 -26.82 -8.43 9.61
CA CYS A 109 -26.17 -9.70 9.32
C CYS A 109 -27.01 -10.86 9.71
N LEU A 110 -27.06 -11.90 8.86
CA LEU A 110 -27.74 -13.20 9.07
C LEU A 110 -26.82 -14.32 8.61
N TYR A 111 -26.63 -15.32 9.46
CA TYR A 111 -25.75 -16.44 9.18
C TYR A 111 -26.22 -17.75 9.83
N CYS A 112 -26.05 -18.86 9.12
CA CYS A 112 -26.37 -20.19 9.62
C CYS A 112 -25.10 -20.98 9.91
N ASN A 113 -24.90 -21.33 11.18
CA ASN A 113 -23.71 -22.07 11.58
C ASN A 113 -24.07 -23.34 12.36
N SER A 114 -23.09 -24.21 12.55
CA SER A 114 -23.27 -25.48 13.26
C SER A 114 -22.18 -25.67 14.31
N PHE A 115 -22.53 -26.32 15.45
CA PHE A 115 -21.62 -26.63 16.56
C PHE A 115 -21.83 -28.04 17.10
N SER A 116 -20.77 -28.88 17.12
CA SER A 116 -20.88 -30.23 17.68
C SER A 116 -20.12 -30.33 19.00
N GLN A 121 -24.62 -32.48 17.57
CA GLN A 121 -24.41 -31.30 16.72
C GLN A 121 -25.71 -30.45 16.61
N LYS A 122 -25.60 -29.15 16.93
CA LYS A 122 -26.69 -28.17 16.89
C LYS A 122 -26.44 -27.13 15.82
N ASN A 123 -27.51 -26.62 15.20
CA ASN A 123 -27.48 -25.56 14.17
C ASN A 123 -28.13 -24.29 14.70
N PHE A 124 -27.58 -23.14 14.31
CA PHE A 124 -28.01 -21.85 14.81
C PHE A 124 -28.11 -20.78 13.76
N LEU A 125 -29.05 -19.84 13.99
CA LEU A 125 -29.21 -18.64 13.19
C LEU A 125 -28.61 -17.52 14.01
N LEU A 126 -27.57 -16.89 13.46
CA LEU A 126 -26.86 -15.76 14.06
C LEU A 126 -27.36 -14.48 13.43
N VAL A 127 -27.74 -13.52 14.28
CA VAL A 127 -28.30 -12.24 13.86
C VAL A 127 -27.42 -11.08 14.39
N GLY A 128 -26.72 -10.42 13.47
CA GLY A 128 -25.92 -9.25 13.76
C GLY A 128 -26.78 -8.02 13.56
N THR A 129 -26.66 -7.03 14.47
CA THR A 129 -27.45 -5.80 14.42
C THR A 129 -26.58 -4.55 14.23
N ALA A 130 -27.21 -3.44 13.82
CA ALA A 130 -26.55 -2.13 13.62
C ALA A 130 -26.10 -1.50 14.96
N ASP A 131 -26.61 -1.99 16.11
CA ASP A 131 -26.17 -1.52 17.43
C ASP A 131 -25.14 -2.51 18.08
N GLY A 132 -24.33 -3.16 17.23
CA GLY A 132 -23.26 -4.08 17.62
C GLY A 132 -23.64 -5.23 18.51
N LYS A 133 -24.84 -5.79 18.29
CA LYS A 133 -25.33 -6.94 19.05
C LYS A 133 -25.42 -8.20 18.18
N LEU A 134 -25.33 -9.35 18.81
CA LEU A 134 -25.44 -10.64 18.15
C LEU A 134 -26.44 -11.52 18.87
N ALA A 135 -27.62 -11.74 18.27
CA ALA A 135 -28.66 -12.60 18.85
C ALA A 135 -28.50 -13.98 18.25
N ILE A 136 -28.64 -15.02 19.07
CA ILE A 136 -28.46 -16.42 18.67
C ILE A 136 -29.76 -17.19 18.76
N PHE A 137 -30.21 -17.82 17.66
CA PHE A 137 -31.43 -18.61 17.66
C PHE A 137 -31.13 -20.03 17.24
N GLU A 138 -31.53 -21.04 18.02
CA GLU A 138 -31.33 -22.41 17.57
C GLU A 138 -32.31 -22.65 16.46
N ASP A 139 -31.88 -23.38 15.42
CA ASP A 139 -32.66 -23.73 14.25
C ASP A 139 -34.15 -24.06 14.57
N LYS A 140 -34.44 -24.86 15.62
CA LYS A 140 -35.79 -25.28 16.04
C LYS A 140 -36.67 -24.11 16.58
N THR A 141 -36.04 -23.03 17.02
CA THR A 141 -36.63 -21.79 17.53
C THR A 141 -37.25 -20.96 16.38
N VAL A 142 -36.64 -21.02 15.18
CA VAL A 142 -36.95 -20.22 13.98
C VAL A 142 -38.40 -20.47 13.46
N LYS A 143 -38.99 -21.65 13.67
CA LYS A 143 -40.38 -21.94 13.22
C LYS A 143 -41.48 -21.42 14.22
N LEU A 144 -41.07 -20.88 15.39
CA LEU A 144 -41.94 -20.39 16.47
C LEU A 144 -42.20 -18.88 16.38
N LYS A 145 -43.48 -18.46 16.24
CA LYS A 145 -43.86 -17.05 16.15
C LYS A 145 -43.50 -16.33 17.43
N GLY A 146 -42.84 -15.19 17.30
CA GLY A 146 -42.38 -14.38 18.41
C GLY A 146 -41.31 -15.01 19.28
N ALA A 147 -40.55 -15.99 18.73
CA ALA A 147 -39.47 -16.66 19.46
C ALA A 147 -38.36 -15.71 19.88
N ALA A 148 -37.87 -15.92 21.10
CA ALA A 148 -36.79 -15.14 21.69
C ALA A 148 -35.45 -15.88 21.48
N PRO A 149 -34.33 -15.14 21.29
CA PRO A 149 -33.04 -15.83 21.12
C PRO A 149 -32.55 -16.51 22.39
N LEU A 150 -31.62 -17.47 22.24
CA LEU A 150 -30.94 -18.22 23.28
C LEU A 150 -30.04 -17.28 24.12
N LYS A 151 -29.37 -16.32 23.46
CA LYS A 151 -28.42 -15.37 24.06
C LYS A 151 -28.26 -14.17 23.13
N ILE A 152 -27.99 -12.99 23.71
CA ILE A 152 -27.72 -11.75 22.98
C ILE A 152 -26.36 -11.25 23.46
N LEU A 153 -25.38 -11.18 22.57
CA LEU A 153 -24.04 -10.72 22.94
C LEU A 153 -23.88 -9.28 22.49
N ASN A 154 -23.41 -8.40 23.42
CA ASN A 154 -23.13 -6.99 23.15
C ASN A 154 -21.61 -6.89 22.86
N ILE A 155 -21.25 -6.67 21.60
CA ILE A 155 -19.84 -6.63 21.17
C ILE A 155 -19.41 -5.20 20.90
N GLY A 156 -20.36 -4.38 20.45
CA GLY A 156 -20.13 -2.96 20.20
C GLY A 156 -21.24 -2.09 20.75
N ASN A 157 -21.51 -0.96 20.08
CA ASN A 157 -22.55 0.02 20.43
C ASN A 157 -23.31 0.42 19.14
N VAL A 158 -24.21 1.46 19.23
CA VAL A 158 -24.99 2.01 18.11
C VAL A 158 -24.10 2.50 16.94
N SER A 159 -22.87 2.94 17.24
CA SER A 159 -21.95 3.41 16.20
C SER A 159 -21.30 2.25 15.45
N THR A 160 -21.26 1.03 16.04
CA THR A 160 -20.59 -0.10 15.38
C THR A 160 -21.59 -1.19 14.94
N PRO A 161 -21.80 -1.37 13.63
CA PRO A 161 -22.73 -2.43 13.21
C PRO A 161 -22.03 -3.78 13.09
N LEU A 162 -22.69 -4.88 13.51
CA LEU A 162 -22.12 -6.21 13.33
C LEU A 162 -22.48 -6.54 11.89
N MET A 163 -21.54 -6.29 10.97
CA MET A 163 -21.72 -6.36 9.51
C MET A 163 -21.47 -7.71 8.86
N CYS A 164 -20.61 -8.53 9.47
CA CYS A 164 -20.19 -9.78 8.86
C CYS A 164 -19.92 -10.87 9.90
N LEU A 165 -20.10 -12.11 9.44
CA LEU A 165 -19.94 -13.36 10.14
C LEU A 165 -19.41 -14.42 9.17
N SER A 166 -18.38 -15.19 9.60
CA SER A 166 -17.76 -16.24 8.79
C SER A 166 -17.17 -17.34 9.65
N GLU A 167 -16.88 -18.52 9.06
CA GLU A 167 -16.19 -19.64 9.72
C GLU A 167 -15.15 -20.27 8.75
N SER A 168 -14.38 -21.30 9.21
CA SER A 168 -13.34 -21.95 8.40
C SER A 168 -13.89 -23.16 7.63
N ASN A 175 -14.92 -26.27 15.11
CA ASN A 175 -15.65 -25.14 14.50
C ASN A 175 -15.59 -23.89 15.41
N VAL A 176 -15.22 -22.75 14.81
CA VAL A 176 -15.04 -21.44 15.45
C VAL A 176 -15.65 -20.38 14.55
N MET A 177 -16.51 -19.52 15.10
CA MET A 177 -17.09 -18.44 14.34
C MET A 177 -16.27 -17.16 14.52
N TRP A 178 -16.03 -16.45 13.40
CA TRP A 178 -15.38 -15.15 13.38
C TRP A 178 -16.36 -14.12 12.83
N GLY A 179 -16.18 -12.88 13.26
CA GLY A 179 -16.97 -11.76 12.78
C GLY A 179 -16.24 -10.45 12.92
N GLY A 180 -16.86 -9.41 12.43
CA GLY A 180 -16.32 -8.07 12.48
C GLY A 180 -17.38 -7.13 12.98
N CYS A 181 -17.01 -6.29 13.93
CA CYS A 181 -17.88 -5.30 14.53
C CYS A 181 -17.05 -4.03 14.70
N GLY A 182 -17.34 -3.05 13.86
CA GLY A 182 -16.57 -1.82 13.82
C GLY A 182 -15.19 -2.11 13.24
N THR A 183 -14.15 -1.83 14.03
CA THR A 183 -12.77 -2.07 13.63
C THR A 183 -12.21 -3.23 14.47
N LYS A 184 -13.09 -3.95 15.17
CA LYS A 184 -12.69 -5.08 15.99
C LYS A 184 -13.08 -6.39 15.31
N ILE A 185 -12.21 -7.40 15.38
CA ILE A 185 -12.49 -8.75 14.87
C ILE A 185 -12.79 -9.58 16.13
N PHE A 186 -13.96 -10.26 16.15
CA PHE A 186 -14.31 -11.10 17.29
C PHE A 186 -14.39 -12.58 16.87
N SER A 187 -14.19 -13.43 17.86
CA SER A 187 -14.18 -14.88 17.78
C SER A 187 -15.04 -15.42 18.91
N PHE A 188 -15.73 -16.54 18.68
CA PHE A 188 -16.52 -17.26 19.69
C PHE A 188 -16.74 -18.72 19.27
N SER A 189 -16.96 -19.59 20.27
CA SER A 189 -17.22 -21.00 20.03
C SER A 189 -18.61 -21.46 20.53
N ASN A 190 -18.75 -22.78 20.78
CA ASN A 190 -19.92 -23.55 21.24
C ASN A 190 -20.65 -22.84 22.40
N ASP A 191 -19.85 -22.35 23.37
CA ASP A 191 -20.26 -21.66 24.59
C ASP A 191 -20.95 -20.31 24.31
N PHE A 192 -20.75 -19.74 23.10
CA PHE A 192 -21.28 -18.45 22.65
C PHE A 192 -20.76 -17.31 23.56
N THR A 193 -19.43 -17.31 23.79
CA THR A 193 -18.74 -16.30 24.59
C THR A 193 -17.60 -15.78 23.75
N ILE A 194 -17.46 -14.46 23.63
CA ILE A 194 -16.37 -13.88 22.83
C ILE A 194 -15.04 -14.31 23.46
N GLN A 195 -14.21 -14.95 22.61
CA GLN A 195 -12.90 -15.49 22.91
C GLN A 195 -11.83 -14.45 22.53
N LYS A 196 -11.54 -14.28 21.23
CA LYS A 196 -10.57 -13.27 20.75
C LYS A 196 -11.32 -11.98 20.34
N LEU A 197 -10.77 -10.81 20.69
CA LEU A 197 -11.29 -9.48 20.32
C LEU A 197 -10.10 -8.62 19.90
N ILE A 198 -9.82 -8.60 18.58
CA ILE A 198 -8.68 -7.91 17.97
C ILE A 198 -9.04 -6.53 17.45
N GLU A 199 -8.29 -5.51 17.92
CA GLU A 199 -8.43 -4.13 17.44
C GLU A 199 -7.59 -4.04 16.16
N THR A 200 -8.21 -3.67 15.04
CA THR A 200 -7.51 -3.60 13.76
C THR A 200 -7.04 -2.21 13.41
N ARG A 201 -7.50 -1.16 14.11
CA ARG A 201 -7.09 0.23 13.90
C ARG A 201 -5.55 0.40 13.87
N THR A 202 -4.81 -0.61 14.40
CA THR A 202 -3.35 -0.69 14.53
C THR A 202 -2.65 -1.09 13.21
N SER A 203 -3.43 -1.33 12.12
CA SER A 203 -2.80 -1.61 10.82
C SER A 203 -2.13 -0.30 10.24
N GLN A 204 -2.46 0.87 10.86
CA GLN A 204 -1.99 2.25 10.64
C GLN A 204 -0.47 2.39 10.38
N LEU A 205 0.37 1.53 11.00
CA LEU A 205 1.83 1.59 10.81
C LEU A 205 2.22 1.18 9.37
N PHE A 206 1.50 0.21 8.75
CA PHE A 206 1.76 -0.30 7.41
C PHE A 206 0.72 0.17 6.38
N SER A 207 -0.53 0.20 6.78
CA SER A 207 -1.63 0.68 5.95
C SER A 207 -1.78 2.19 6.08
N TYR A 208 -2.43 2.82 5.12
CA TYR A 208 -2.76 4.22 5.11
C TYR A 208 -3.84 4.38 6.20
N ALA A 209 -3.51 5.15 7.25
CA ALA A 209 -4.29 5.40 8.48
C ALA A 209 -5.80 5.45 8.23
N ALA A 210 -6.27 6.32 7.29
CA ALA A 210 -7.69 6.47 6.94
C ALA A 210 -8.38 5.15 6.63
N PHE A 211 -7.69 4.23 5.91
CA PHE A 211 -8.29 2.93 5.60
C PHE A 211 -8.42 2.06 6.85
N SER A 212 -7.41 2.07 7.75
CA SER A 212 -7.38 1.33 9.01
C SER A 212 -8.51 1.70 9.95
N ASP A 213 -8.85 2.99 10.01
CA ASP A 213 -9.90 3.58 10.84
C ASP A 213 -11.34 3.23 10.36
N SER A 214 -11.51 2.76 9.12
CA SER A 214 -12.84 2.44 8.57
C SER A 214 -13.40 1.13 9.14
N ASN A 215 -14.73 0.99 9.08
CA ASN A 215 -15.39 -0.20 9.60
C ASN A 215 -15.17 -1.36 8.68
N ILE A 216 -15.13 -2.55 9.28
CA ILE A 216 -15.01 -3.84 8.60
C ILE A 216 -16.36 -4.10 7.91
N ILE A 217 -16.35 -4.51 6.64
CA ILE A 217 -17.55 -4.79 5.86
C ILE A 217 -17.62 -6.30 5.50
N THR A 218 -16.47 -7.01 5.50
CA THR A 218 -16.39 -8.44 5.21
C THR A 218 -15.11 -9.08 5.83
N VAL A 219 -15.21 -10.38 6.15
CA VAL A 219 -14.17 -11.24 6.77
C VAL A 219 -14.20 -12.60 6.10
N VAL A 220 -13.03 -13.15 5.72
CA VAL A 220 -12.94 -14.51 5.17
C VAL A 220 -11.94 -15.23 6.02
N VAL A 221 -12.25 -16.45 6.38
CA VAL A 221 -11.42 -17.25 7.26
C VAL A 221 -10.82 -18.40 6.46
N ASP A 222 -9.48 -18.55 6.54
CA ASP A 222 -8.65 -19.57 5.90
C ASP A 222 -7.57 -19.95 6.95
N THR A 223 -6.28 -19.75 6.65
CA THR A 223 -5.14 -19.98 7.55
C THR A 223 -4.96 -18.69 8.36
N ALA A 224 -5.38 -17.57 7.75
CA ALA A 224 -5.37 -16.22 8.29
C ALA A 224 -6.74 -15.59 8.06
N LEU A 225 -6.93 -14.37 8.59
CA LEU A 225 -8.18 -13.64 8.43
C LEU A 225 -7.97 -12.53 7.42
N TYR A 226 -8.82 -12.47 6.41
CA TYR A 226 -8.73 -11.50 5.34
C TYR A 226 -9.91 -10.61 5.53
N ILE A 227 -9.64 -9.35 5.86
CA ILE A 227 -10.73 -8.45 6.20
C ILE A 227 -10.70 -7.24 5.25
N ALA A 228 -11.90 -6.80 4.81
CA ALA A 228 -12.05 -5.61 4.00
C ALA A 228 -12.70 -4.53 4.85
N LYS A 229 -12.39 -3.27 4.55
CA LYS A 229 -12.97 -2.12 5.28
C LYS A 229 -13.65 -1.17 4.31
N GLN A 230 -14.64 -0.39 4.83
CA GLN A 230 -15.47 0.56 4.07
C GLN A 230 -14.62 1.63 3.40
N ASN A 231 -14.81 1.83 2.07
CA ASN A 231 -14.08 2.82 1.24
C ASN A 231 -12.54 2.61 1.36
N SER A 232 -12.09 1.36 1.13
CA SER A 232 -10.69 0.99 1.26
C SER A 232 -10.25 -0.01 0.19
N PRO A 233 -9.11 0.26 -0.50
CA PRO A 233 -8.60 -0.71 -1.49
C PRO A 233 -7.72 -1.80 -0.84
N VAL A 234 -7.53 -1.76 0.49
CA VAL A 234 -6.65 -2.65 1.24
C VAL A 234 -7.38 -3.79 1.93
N VAL A 235 -6.82 -5.00 1.73
CA VAL A 235 -7.31 -6.19 2.39
C VAL A 235 -6.28 -6.40 3.47
N GLU A 236 -6.73 -6.36 4.73
CA GLU A 236 -5.85 -6.57 5.87
C GLU A 236 -5.81 -8.07 6.16
N VAL A 237 -4.63 -8.61 6.33
CA VAL A 237 -4.45 -10.02 6.64
C VAL A 237 -3.98 -10.13 8.09
N TRP A 238 -4.78 -10.76 8.96
CA TRP A 238 -4.46 -10.94 10.38
C TRP A 238 -4.25 -12.40 10.76
N ASP A 239 -3.29 -12.64 11.66
CA ASP A 239 -2.95 -13.96 12.19
C ASP A 239 -3.87 -14.26 13.38
N LYS A 240 -4.67 -15.36 13.31
CA LYS A 240 -5.60 -15.76 14.37
C LYS A 240 -4.88 -16.08 15.71
N LYS A 241 -3.74 -16.81 15.64
CA LYS A 241 -2.99 -17.23 16.81
C LYS A 241 -2.28 -16.07 17.53
N THR A 242 -1.47 -15.25 16.81
CA THR A 242 -0.73 -14.13 17.40
C THR A 242 -1.58 -12.84 17.55
N GLU A 243 -2.75 -12.76 16.87
CA GLU A 243 -3.66 -11.59 16.90
C GLU A 243 -2.99 -10.29 16.35
N LYS A 244 -1.98 -10.45 15.47
CA LYS A 244 -1.20 -9.35 14.88
C LYS A 244 -1.25 -9.38 13.36
N LEU A 245 -1.17 -8.19 12.72
CA LEU A 245 -1.15 -8.02 11.28
C LEU A 245 0.01 -8.80 10.68
N CYS A 246 -0.29 -9.64 9.67
CA CYS A 246 0.71 -10.48 9.02
C CYS A 246 0.69 -10.29 7.48
N GLY A 247 0.11 -9.19 7.02
CA GLY A 247 0.07 -8.89 5.61
C GLY A 247 -0.96 -7.87 5.19
N LEU A 248 -0.78 -7.34 3.96
CA LEU A 248 -1.66 -6.39 3.27
C LEU A 248 -1.71 -6.72 1.79
N ILE A 249 -2.91 -6.68 1.21
CA ILE A 249 -3.19 -6.86 -0.21
C ILE A 249 -3.82 -5.54 -0.69
N ASP A 250 -3.02 -4.68 -1.33
CA ASP A 250 -3.43 -3.38 -1.89
C ASP A 250 -3.84 -3.60 -3.34
N CYS A 251 -5.15 -3.48 -3.60
CA CYS A 251 -5.75 -3.68 -4.91
C CYS A 251 -5.41 -2.58 -5.91
N VAL A 252 -5.16 -1.33 -5.43
CA VAL A 252 -4.75 -0.25 -6.34
C VAL A 252 -3.44 -0.67 -7.05
N HIS A 253 -2.46 -1.23 -6.32
CA HIS A 253 -1.22 -1.65 -6.96
C HIS A 253 -1.42 -2.93 -7.81
N PHE A 254 -2.24 -3.91 -7.37
CA PHE A 254 -2.52 -5.11 -8.18
C PHE A 254 -3.21 -4.76 -9.50
N LEU A 255 -4.10 -3.77 -9.49
CA LEU A 255 -4.83 -3.36 -10.69
C LEU A 255 -3.98 -2.55 -11.60
N ARG A 256 -3.06 -1.73 -11.06
CA ARG A 256 -2.18 -0.86 -11.84
C ARG A 256 -0.99 -1.57 -12.46
N GLU A 257 -0.47 -2.61 -11.79
CA GLU A 257 0.66 -3.38 -12.31
C GLU A 257 0.23 -4.83 -12.62
N LYS A 269 -5.35 3.99 -17.46
CA LYS A 269 -6.42 3.62 -16.53
C LYS A 269 -5.88 3.43 -15.10
N MET A 270 -4.80 4.19 -14.75
CA MET A 270 -4.16 4.19 -13.43
C MET A 270 -5.03 4.85 -12.32
N SER A 271 -6.19 5.43 -12.71
CA SER A 271 -7.12 6.16 -11.85
C SER A 271 -8.09 5.24 -11.04
N TYR A 272 -7.86 3.91 -11.04
CA TYR A 272 -8.70 2.96 -10.29
C TYR A 272 -8.62 3.22 -8.77
N SER A 273 -9.81 3.33 -8.13
CA SER A 273 -9.94 3.53 -6.68
C SER A 273 -9.58 2.22 -5.96
N GLY A 274 -9.83 1.08 -6.66
CA GLY A 274 -9.56 -0.27 -6.18
C GLY A 274 -10.26 -0.63 -4.89
N ARG A 275 -11.38 0.06 -4.56
CA ARG A 275 -12.13 -0.13 -3.32
C ARG A 275 -12.72 -1.50 -3.28
N VAL A 276 -12.49 -2.24 -2.19
CA VAL A 276 -12.98 -3.61 -2.03
C VAL A 276 -14.45 -3.57 -1.63
N LYS A 277 -15.29 -4.33 -2.36
CA LYS A 277 -16.71 -4.42 -2.10
C LYS A 277 -17.05 -5.78 -1.55
N THR A 278 -16.35 -6.80 -2.03
CA THR A 278 -16.62 -8.18 -1.69
C THR A 278 -15.32 -9.01 -1.72
N LEU A 279 -15.30 -10.03 -0.84
CA LEU A 279 -14.25 -11.03 -0.68
C LEU A 279 -14.93 -12.38 -0.65
N CYS A 280 -14.42 -13.31 -1.42
CA CYS A 280 -14.94 -14.65 -1.49
C CYS A 280 -13.82 -15.62 -1.76
N LEU A 281 -13.59 -16.48 -0.80
CA LEU A 281 -12.60 -17.52 -0.81
C LEU A 281 -13.10 -18.71 -1.62
N GLN A 282 -12.29 -19.11 -2.60
CA GLN A 282 -12.58 -20.24 -3.45
C GLN A 282 -11.63 -21.39 -3.10
N LYS A 283 -12.22 -22.51 -2.67
CA LYS A 283 -11.60 -23.79 -2.34
C LYS A 283 -10.28 -23.64 -1.56
N ASN A 284 -9.20 -24.25 -2.09
CA ASN A 284 -7.88 -24.31 -1.47
C ASN A 284 -6.95 -23.20 -2.00
N THR A 285 -6.74 -22.18 -1.12
CA THR A 285 -5.84 -21.02 -1.25
C THR A 285 -6.05 -20.21 -2.56
N ALA A 286 -7.25 -19.59 -2.72
CA ALA A 286 -7.61 -18.74 -3.87
C ALA A 286 -8.68 -17.74 -3.44
N LEU A 287 -8.36 -16.44 -3.43
CA LEU A 287 -9.28 -15.39 -2.97
C LEU A 287 -9.75 -14.48 -4.12
N TRP A 288 -11.07 -14.25 -4.20
CA TRP A 288 -11.68 -13.37 -5.18
C TRP A 288 -11.95 -12.05 -4.51
N ILE A 289 -11.51 -10.98 -5.14
CA ILE A 289 -11.75 -9.63 -4.62
C ILE A 289 -12.54 -8.93 -5.70
N GLY A 290 -13.71 -8.42 -5.33
CA GLY A 290 -14.57 -7.65 -6.21
C GLY A 290 -14.45 -6.20 -5.80
N THR A 291 -14.22 -5.33 -6.76
CA THR A 291 -13.99 -3.91 -6.48
C THR A 291 -15.15 -3.02 -7.00
N GLY A 292 -15.20 -1.78 -6.49
CA GLY A 292 -16.18 -0.76 -6.85
C GLY A 292 -16.14 -0.33 -8.31
N GLY A 293 -15.00 -0.53 -8.97
CA GLY A 293 -14.82 -0.21 -10.39
C GLY A 293 -15.27 -1.27 -11.35
N GLY A 294 -15.73 -2.42 -10.83
CA GLY A 294 -16.24 -3.52 -11.64
C GLY A 294 -15.18 -4.54 -12.03
N HIS A 295 -14.12 -4.65 -11.22
CA HIS A 295 -12.99 -5.54 -11.49
C HIS A 295 -12.96 -6.67 -10.49
N ILE A 296 -12.52 -7.84 -10.94
CA ILE A 296 -12.42 -9.03 -10.08
C ILE A 296 -10.99 -9.61 -10.17
N LEU A 297 -10.31 -9.63 -9.04
CA LEU A 297 -8.94 -10.12 -8.90
C LEU A 297 -9.02 -11.48 -8.28
N LEU A 298 -8.16 -12.39 -8.73
CA LEU A 298 -8.07 -13.72 -8.17
C LEU A 298 -6.63 -13.93 -7.74
N LEU A 299 -6.41 -14.23 -6.47
CA LEU A 299 -5.08 -14.43 -5.93
C LEU A 299 -4.90 -15.80 -5.34
N ASP A 300 -3.71 -16.41 -5.57
CA ASP A 300 -3.34 -17.68 -4.99
C ASP A 300 -2.76 -17.31 -3.65
N LEU A 301 -3.41 -17.74 -2.57
CA LEU A 301 -2.95 -17.39 -1.23
C LEU A 301 -1.65 -18.12 -0.85
N SER A 302 -1.29 -19.25 -1.50
CA SER A 302 -0.05 -19.96 -1.16
C SER A 302 1.18 -19.35 -1.85
N THR A 303 1.02 -18.77 -3.05
CA THR A 303 2.14 -18.14 -3.77
C THR A 303 2.05 -16.61 -3.71
N ARG A 304 0.97 -16.05 -3.10
CA ARG A 304 0.69 -14.61 -2.91
C ARG A 304 0.63 -13.84 -4.26
N ARG A 305 0.47 -14.56 -5.37
CA ARG A 305 0.48 -13.96 -6.70
C ARG A 305 -0.93 -13.90 -7.27
N LEU A 306 -1.10 -13.09 -8.29
CA LEU A 306 -2.34 -12.82 -8.99
C LEU A 306 -2.51 -13.81 -10.15
N ILE A 307 -3.58 -14.63 -10.11
CA ILE A 307 -3.90 -15.64 -11.14
C ILE A 307 -4.60 -15.01 -12.38
N ARG A 308 -5.66 -14.24 -12.14
CA ARG A 308 -6.51 -13.65 -13.18
C ARG A 308 -7.04 -12.30 -12.73
N VAL A 309 -7.30 -11.42 -13.69
CA VAL A 309 -7.94 -10.11 -13.46
C VAL A 309 -9.04 -10.03 -14.49
N ILE A 310 -10.25 -9.71 -14.02
CA ILE A 310 -11.36 -9.50 -14.93
C ILE A 310 -11.68 -8.01 -14.89
N TYR A 311 -11.02 -7.22 -15.78
CA TYR A 311 -11.24 -5.77 -15.88
C TYR A 311 -12.63 -5.51 -16.49
N ASN A 312 -13.34 -4.52 -15.92
CA ASN A 312 -14.66 -4.03 -16.31
C ASN A 312 -15.65 -5.19 -16.61
N PHE A 313 -15.70 -6.16 -15.67
CA PHE A 313 -16.58 -7.33 -15.65
C PHE A 313 -18.03 -6.82 -15.79
N CYS A 314 -18.41 -5.88 -14.91
CA CYS A 314 -19.65 -5.08 -14.87
C CYS A 314 -19.15 -3.67 -14.49
N ASN A 315 -20.03 -2.74 -14.10
CA ASN A 315 -19.57 -1.41 -13.72
C ASN A 315 -19.14 -1.35 -12.25
N SER A 316 -19.75 -2.21 -11.39
CA SER A 316 -19.53 -2.26 -9.95
C SER A 316 -20.04 -3.59 -9.35
N VAL A 317 -19.19 -4.27 -8.57
CA VAL A 317 -19.47 -5.56 -7.93
C VAL A 317 -20.03 -5.31 -6.55
N ARG A 318 -21.16 -5.95 -6.24
CA ARG A 318 -21.88 -5.80 -4.97
C ARG A 318 -21.75 -7.03 -4.07
N VAL A 319 -21.98 -8.22 -4.64
CA VAL A 319 -21.99 -9.49 -3.93
C VAL A 319 -21.26 -10.54 -4.76
N MET A 320 -20.52 -11.40 -4.06
CA MET A 320 -19.79 -12.53 -4.60
C MET A 320 -19.89 -13.66 -3.58
N MET A 321 -20.52 -14.78 -3.99
CA MET A 321 -20.69 -15.94 -3.11
C MET A 321 -20.60 -17.23 -3.86
N THR A 322 -20.30 -18.28 -3.10
CA THR A 322 -20.20 -19.65 -3.57
C THR A 322 -21.53 -20.35 -3.24
N ALA A 323 -22.01 -21.14 -4.20
CA ALA A 323 -23.23 -21.90 -4.01
C ALA A 323 -23.01 -23.34 -4.46
N GLN A 324 -23.40 -24.31 -3.61
CA GLN A 324 -23.29 -25.71 -3.98
C GLN A 324 -24.55 -26.01 -4.79
N LEU A 325 -24.41 -26.03 -6.15
CA LEU A 325 -25.45 -26.26 -7.18
C LEU A 325 -26.72 -25.41 -6.94
N ASN A 330 -19.37 -25.51 -6.02
CA ASN A 330 -19.81 -25.87 -7.37
C ASN A 330 -19.85 -24.63 -8.30
N VAL A 331 -20.63 -23.58 -7.95
CA VAL A 331 -20.77 -22.37 -8.79
C VAL A 331 -20.42 -21.06 -8.03
N MET A 332 -19.92 -20.05 -8.79
CA MET A 332 -19.61 -18.71 -8.32
C MET A 332 -20.70 -17.75 -8.83
N LEU A 333 -21.43 -17.09 -7.91
CA LEU A 333 -22.47 -16.13 -8.27
C LEU A 333 -21.98 -14.74 -7.99
N VAL A 334 -22.03 -13.87 -9.01
CA VAL A 334 -21.59 -12.48 -8.86
C VAL A 334 -22.78 -11.55 -9.15
N LEU A 335 -23.01 -10.62 -8.27
CA LEU A 335 -24.03 -9.62 -8.45
C LEU A 335 -23.37 -8.24 -8.65
N GLY A 336 -23.52 -7.70 -9.84
CA GLY A 336 -23.00 -6.39 -10.17
C GLY A 336 -24.09 -5.49 -10.72
N TYR A 337 -23.82 -4.20 -10.87
CA TYR A 337 -24.81 -3.29 -11.47
C TYR A 337 -24.12 -2.26 -12.36
N ASN A 338 -24.88 -1.73 -13.33
CA ASN A 338 -24.47 -0.68 -14.27
C ASN A 338 -25.43 0.50 -14.07
N ARG A 339 -24.97 1.74 -14.36
CA ARG A 339 -25.77 2.96 -14.18
C ARG A 339 -25.70 3.87 -15.42
N LYS A 349 -30.03 7.98 -13.53
CA LYS A 349 -31.48 7.84 -13.35
C LYS A 349 -31.99 6.39 -13.57
N GLU A 350 -31.13 5.49 -14.10
CA GLU A 350 -31.49 4.09 -14.38
C GLU A 350 -30.37 3.12 -13.99
N ILE A 351 -30.76 2.06 -13.24
CA ILE A 351 -29.83 1.04 -12.76
C ILE A 351 -30.18 -0.30 -13.41
N GLN A 352 -29.16 -1.03 -13.84
CA GLN A 352 -29.35 -2.37 -14.41
C GLN A 352 -28.45 -3.34 -13.64
N SER A 353 -29.07 -4.22 -12.87
CA SER A 353 -28.38 -5.22 -12.07
C SER A 353 -28.27 -6.52 -12.89
N CYS A 354 -27.18 -7.20 -12.73
CA CYS A 354 -26.97 -8.44 -13.45
C CYS A 354 -26.44 -9.46 -12.50
N LEU A 355 -26.71 -10.72 -12.82
CA LEU A 355 -26.14 -11.84 -12.10
C LEU A 355 -25.31 -12.65 -13.04
N THR A 356 -24.06 -12.86 -12.70
CA THR A 356 -23.19 -13.69 -13.51
C THR A 356 -22.94 -14.97 -12.73
N VAL A 357 -23.13 -16.08 -13.42
CA VAL A 357 -23.03 -17.41 -12.85
C VAL A 357 -21.97 -18.18 -13.62
N TRP A 358 -21.06 -18.87 -12.92
CA TRP A 358 -20.11 -19.74 -13.61
C TRP A 358 -19.61 -20.86 -12.74
N ASP A 359 -19.53 -22.06 -13.36
CA ASP A 359 -19.02 -23.32 -12.79
C ASP A 359 -17.56 -23.11 -12.35
N ILE A 360 -17.25 -23.42 -11.06
CA ILE A 360 -15.93 -23.27 -10.46
C ILE A 360 -15.05 -24.48 -10.86
N SER B 3 11.99 31.75 -1.29
CA SER B 3 12.26 30.79 -2.36
C SER B 3 12.65 31.48 -3.68
N ARG B 4 13.73 30.99 -4.34
CA ARG B 4 14.21 31.46 -5.65
C ARG B 4 14.40 30.27 -6.61
N ARG B 5 13.84 30.39 -7.82
CA ARG B 5 13.90 29.41 -8.89
C ARG B 5 14.90 29.86 -9.96
N ILE B 6 15.92 29.03 -10.21
CA ILE B 6 16.99 29.29 -11.20
C ILE B 6 16.82 28.32 -12.35
N LEU B 7 16.60 28.85 -13.57
CA LEU B 7 16.39 28.00 -14.75
C LEU B 7 17.70 27.75 -15.40
N LEU B 8 17.98 26.48 -15.64
CA LEU B 8 19.21 26.06 -16.27
C LEU B 8 19.09 26.23 -17.78
N PRO B 9 20.19 26.26 -18.56
CA PRO B 9 20.00 26.37 -20.03
C PRO B 9 19.19 25.16 -20.56
N LYS B 10 18.29 25.42 -21.52
CA LYS B 10 17.39 24.46 -22.17
C LYS B 10 18.15 23.17 -22.63
N ASN B 11 17.54 22.01 -22.37
CA ASN B 11 17.95 20.64 -22.68
C ASN B 11 19.09 20.14 -21.76
N VAL B 12 19.54 20.94 -20.77
CA VAL B 12 20.53 20.51 -19.77
C VAL B 12 19.84 19.52 -18.79
N ILE B 13 20.44 18.32 -18.60
CA ILE B 13 19.98 17.31 -17.64
C ILE B 13 21.08 17.21 -16.58
N VAL B 14 20.68 17.22 -15.29
CA VAL B 14 21.57 17.14 -14.15
C VAL B 14 21.49 15.73 -13.56
N GLU B 15 22.59 14.98 -13.63
CA GLU B 15 22.69 13.64 -13.06
C GLU B 15 22.93 13.75 -11.56
N CYS B 16 23.86 14.63 -11.15
CA CYS B 16 24.26 14.83 -9.77
C CYS B 16 24.61 16.28 -9.54
N MET B 17 24.76 16.64 -8.27
CA MET B 17 24.87 18.01 -7.82
C MET B 17 25.61 18.03 -6.51
N VAL B 18 26.48 19.04 -6.31
CA VAL B 18 27.20 19.24 -5.06
C VAL B 18 27.42 20.76 -4.92
N ALA B 19 26.96 21.35 -3.82
CA ALA B 19 27.14 22.78 -3.57
C ALA B 19 28.48 23.00 -2.89
N THR B 20 29.03 24.22 -3.01
CA THR B 20 30.31 24.56 -2.41
C THR B 20 30.08 25.71 -1.42
N HIS B 21 30.69 25.60 -0.21
CA HIS B 21 30.63 26.58 0.89
C HIS B 21 31.45 27.82 0.58
N ALA B 27 27.87 31.82 -3.46
CA ALA B 27 27.40 30.44 -3.48
C ALA B 27 27.29 29.92 -4.92
N SER B 28 27.65 28.64 -5.12
CA SER B 28 27.65 28.02 -6.44
C SER B 28 27.57 26.51 -6.34
N ILE B 29 27.05 25.86 -7.38
CA ILE B 29 26.88 24.42 -7.39
C ILE B 29 27.62 23.77 -8.59
N TRP B 30 28.25 22.64 -8.34
CA TRP B 30 28.88 21.81 -9.36
C TRP B 30 27.85 20.76 -9.77
N LEU B 31 27.64 20.59 -11.08
CA LEU B 31 26.69 19.68 -11.67
C LEU B 31 27.36 18.73 -12.63
N GLY B 32 26.94 17.46 -12.59
CA GLY B 32 27.35 16.41 -13.50
C GLY B 32 26.20 16.21 -14.45
N CYS B 33 26.46 16.33 -15.74
CA CYS B 33 25.48 16.38 -16.82
C CYS B 33 25.11 15.04 -17.41
N GLY B 34 23.79 14.88 -17.65
CA GLY B 34 23.15 13.70 -18.21
C GLY B 34 22.65 13.83 -19.64
N HIS B 35 22.80 15.00 -20.25
CA HIS B 35 22.37 15.19 -21.63
C HIS B 35 23.46 14.75 -22.62
N THR B 36 24.54 14.15 -22.11
CA THR B 36 25.72 13.74 -22.89
C THR B 36 26.28 12.39 -22.45
N ASP B 37 26.90 11.65 -23.39
CA ASP B 37 27.54 10.36 -23.10
C ASP B 37 28.97 10.53 -22.55
N ARG B 38 29.57 11.71 -22.71
CA ARG B 38 30.88 12.04 -22.14
C ARG B 38 30.70 12.69 -20.77
N GLY B 39 31.80 12.90 -20.07
CA GLY B 39 31.85 13.49 -18.73
C GLY B 39 31.92 14.97 -18.76
N GLN B 40 30.78 15.60 -18.55
CA GLN B 40 30.66 17.04 -18.55
C GLN B 40 30.33 17.55 -17.16
N LEU B 41 31.16 18.48 -16.73
CA LEU B 41 31.06 19.13 -15.45
C LEU B 41 30.65 20.56 -15.70
N SER B 42 29.60 20.99 -15.02
CA SER B 42 29.03 22.34 -15.11
C SER B 42 29.08 23.04 -13.78
N PHE B 43 28.96 24.35 -13.83
CA PHE B 43 29.11 25.20 -12.67
C PHE B 43 28.12 26.33 -12.81
N LEU B 44 27.22 26.43 -11.83
CA LEU B 44 26.16 27.42 -11.76
C LEU B 44 26.41 28.34 -10.58
N ASP B 45 26.47 29.66 -10.86
CA ASP B 45 26.66 30.69 -9.85
C ASP B 45 25.27 31.04 -9.33
N LEU B 46 24.96 30.68 -8.06
CA LEU B 46 23.64 30.91 -7.45
C LEU B 46 23.22 32.41 -7.44
N ASN B 47 24.20 33.33 -7.32
CA ASN B 47 23.94 34.78 -7.35
C ASN B 47 23.53 35.25 -8.77
N THR B 48 24.51 35.28 -9.72
CA THR B 48 24.38 35.81 -11.07
C THR B 48 23.56 34.91 -12.02
N GLU B 49 23.35 33.62 -11.65
CA GLU B 49 22.66 32.58 -12.42
C GLU B 49 23.55 32.15 -13.64
N GLY B 50 24.86 32.47 -13.55
CA GLY B 50 25.86 32.18 -14.57
C GLY B 50 26.19 30.71 -14.67
N TYR B 51 26.14 30.17 -15.91
CA TYR B 51 26.35 28.75 -16.21
C TYR B 51 27.46 28.56 -17.22
N THR B 52 28.51 27.85 -16.82
CA THR B 52 29.63 27.47 -17.69
C THR B 52 29.79 25.96 -17.57
N SER B 53 30.32 25.31 -18.60
CA SER B 53 30.53 23.86 -18.56
C SER B 53 31.86 23.48 -19.18
N GLU B 54 32.29 22.23 -18.94
CA GLU B 54 33.54 21.72 -19.48
C GLU B 54 33.46 20.20 -19.63
N GLU B 55 34.00 19.64 -20.75
CA GLU B 55 34.08 18.18 -20.95
C GLU B 55 35.39 17.78 -20.26
N VAL B 56 35.30 17.08 -19.12
CA VAL B 56 36.46 16.76 -18.28
C VAL B 56 36.80 15.23 -18.29
N ALA B 57 35.85 14.36 -18.65
CA ALA B 57 36.08 12.92 -18.67
C ALA B 57 35.44 12.24 -19.91
N ASP B 58 35.98 11.07 -20.30
CA ASP B 58 35.52 10.29 -21.47
C ASP B 58 34.08 9.80 -21.32
N SER B 59 33.61 9.49 -20.07
CA SER B 59 32.25 8.97 -19.80
C SER B 59 31.43 9.84 -18.86
N ARG B 60 30.10 9.63 -18.84
CA ARG B 60 29.10 10.39 -18.05
C ARG B 60 29.45 10.42 -16.56
N ILE B 61 29.43 11.64 -15.96
CA ILE B 61 29.68 11.88 -14.53
C ILE B 61 28.39 11.57 -13.82
N LEU B 62 28.44 10.54 -12.97
CA LEU B 62 27.30 10.05 -12.22
C LEU B 62 27.26 10.59 -10.82
N CYS B 63 28.43 10.82 -10.17
CA CYS B 63 28.51 11.30 -8.78
C CYS B 63 29.48 12.44 -8.63
N LEU B 64 29.27 13.24 -7.58
CA LEU B 64 30.07 14.39 -7.21
C LEU B 64 30.20 14.45 -5.73
N ALA B 65 31.43 14.60 -5.23
CA ALA B 65 31.68 14.80 -3.81
C ALA B 65 32.78 15.83 -3.67
N LEU B 66 32.57 16.79 -2.78
CA LEU B 66 33.55 17.84 -2.53
C LEU B 66 34.41 17.39 -1.35
N VAL B 67 35.72 17.18 -1.58
CA VAL B 67 36.64 16.71 -0.53
C VAL B 67 37.46 17.93 -0.02
N HIS B 68 37.10 18.43 1.16
CA HIS B 68 37.80 19.60 1.74
C HIS B 68 38.81 19.18 2.83
N LEU B 69 40.09 19.61 2.67
CA LEU B 69 41.21 19.33 3.57
C LEU B 69 41.67 20.59 4.35
N PRO B 70 41.20 20.76 5.61
CA PRO B 70 41.54 21.97 6.37
C PRO B 70 43.04 22.21 6.62
N VAL B 71 43.81 21.16 7.01
CA VAL B 71 45.24 21.31 7.35
C VAL B 71 46.07 21.80 6.16
N GLU B 72 45.72 21.39 4.93
CA GLU B 72 46.42 21.80 3.70
C GLU B 72 45.74 23.01 3.04
N LYS B 73 44.53 23.38 3.52
CA LYS B 73 43.67 24.49 3.05
C LYS B 73 43.39 24.31 1.53
N GLU B 74 42.97 23.08 1.16
CA GLU B 74 42.67 22.71 -0.22
C GLU B 74 41.35 21.96 -0.30
N SER B 75 40.55 22.24 -1.34
CA SER B 75 39.27 21.60 -1.59
C SER B 75 39.30 21.02 -3.01
N TRP B 76 38.92 19.74 -3.15
CA TRP B 76 38.93 19.04 -4.43
C TRP B 76 37.54 18.55 -4.77
N ILE B 77 37.12 18.71 -6.03
CA ILE B 77 35.83 18.20 -6.52
C ILE B 77 36.10 16.84 -7.17
N VAL B 78 35.56 15.77 -6.57
CA VAL B 78 35.69 14.39 -7.05
C VAL B 78 34.48 14.00 -7.90
N SER B 79 34.71 13.56 -9.16
CA SER B 79 33.69 13.09 -10.11
C SER B 79 33.87 11.61 -10.33
N GLY B 80 32.78 10.89 -10.22
CA GLY B 80 32.76 9.45 -10.42
C GLY B 80 32.01 9.17 -11.71
N THR B 81 32.69 8.52 -12.67
CA THR B 81 32.10 8.32 -13.98
C THR B 81 31.55 6.90 -14.16
N GLN B 82 30.83 6.72 -15.27
CA GLN B 82 30.20 5.51 -15.74
C GLN B 82 31.25 4.39 -16.03
N SER B 83 32.52 4.76 -16.38
CA SER B 83 33.55 3.76 -16.66
C SER B 83 34.37 3.37 -15.41
N GLY B 84 34.08 3.98 -14.27
CA GLY B 84 34.76 3.73 -13.00
C GLY B 84 35.88 4.71 -12.70
N THR B 85 35.95 5.81 -13.43
CA THR B 85 36.96 6.83 -13.21
C THR B 85 36.62 7.70 -12.01
N LEU B 86 37.64 8.06 -11.24
CA LEU B 86 37.58 8.97 -10.09
C LEU B 86 38.44 10.15 -10.48
N LEU B 87 37.81 11.18 -11.07
CA LEU B 87 38.52 12.38 -11.51
C LEU B 87 38.47 13.43 -10.42
N VAL B 88 39.66 13.88 -10.00
CA VAL B 88 39.86 14.87 -8.95
C VAL B 88 40.35 16.18 -9.57
N ILE B 89 39.60 17.27 -9.37
CA ILE B 89 39.91 18.63 -9.86
C ILE B 89 40.00 19.56 -8.63
N ASN B 90 41.05 20.42 -8.56
CA ASN B 90 41.16 21.40 -7.48
C ASN B 90 40.09 22.47 -7.72
N THR B 91 39.35 22.87 -6.65
CA THR B 91 38.24 23.83 -6.73
C THR B 91 38.78 25.24 -7.04
N GLU B 92 40.01 25.57 -6.59
CA GLU B 92 40.62 26.87 -6.91
C GLU B 92 41.13 26.83 -8.36
N ASP B 93 42.29 26.18 -8.58
CA ASP B 93 42.89 26.03 -9.91
C ASP B 93 42.39 24.74 -10.59
N GLY B 94 41.60 24.90 -11.66
CA GLY B 94 41.06 23.78 -12.44
C GLY B 94 42.13 23.00 -13.19
N LYS B 95 43.30 23.64 -13.46
CA LYS B 95 44.47 23.08 -14.14
C LYS B 95 45.09 21.95 -13.32
N LYS B 96 45.03 22.06 -11.97
CA LYS B 96 45.52 21.04 -11.04
C LYS B 96 44.41 19.96 -10.90
N ARG B 97 44.54 18.87 -11.66
CA ARG B 97 43.61 17.75 -11.71
C ARG B 97 44.33 16.41 -11.98
N HIS B 98 43.71 15.29 -11.58
CA HIS B 98 44.23 13.91 -11.75
C HIS B 98 43.16 12.87 -11.43
N THR B 99 43.45 11.59 -11.74
CA THR B 99 42.55 10.48 -11.41
C THR B 99 43.16 9.58 -10.32
N LEU B 100 42.32 9.02 -9.42
CA LEU B 100 42.69 8.06 -8.38
C LEU B 100 42.55 6.67 -9.03
N GLU B 101 42.79 5.59 -8.28
CA GLU B 101 42.66 4.23 -8.83
C GLU B 101 41.27 4.05 -9.48
N LYS B 102 41.23 3.54 -10.72
CA LYS B 102 39.98 3.33 -11.48
C LYS B 102 39.24 2.11 -10.91
N MET B 103 37.93 2.28 -10.65
CA MET B 103 37.05 1.23 -10.12
C MET B 103 36.78 0.15 -11.17
N THR B 104 36.32 -1.04 -10.74
CA THR B 104 36.07 -2.16 -11.66
C THR B 104 34.74 -1.97 -12.41
N ASP B 105 33.87 -1.09 -11.91
CA ASP B 105 32.58 -0.80 -12.53
C ASP B 105 32.24 0.68 -12.31
N SER B 106 31.08 1.15 -12.87
CA SER B 106 30.57 2.51 -12.75
C SER B 106 30.60 2.98 -11.32
N VAL B 107 30.82 4.28 -11.09
CA VAL B 107 30.76 4.85 -9.75
C VAL B 107 29.30 5.26 -9.54
N THR B 108 28.60 4.53 -8.68
CA THR B 108 27.16 4.70 -8.40
C THR B 108 26.87 5.46 -7.11
N CYS B 109 27.91 5.91 -6.39
CA CYS B 109 27.79 6.63 -5.12
C CYS B 109 29.14 7.22 -4.70
N LEU B 110 29.12 8.45 -4.11
CA LEU B 110 30.25 9.19 -3.54
C LEU B 110 29.77 9.90 -2.27
N TYR B 111 30.47 9.67 -1.12
CA TYR B 111 30.10 10.26 0.17
C TYR B 111 31.32 10.64 1.00
N CYS B 112 31.24 11.77 1.73
CA CYS B 112 32.30 12.24 2.61
C CYS B 112 31.97 11.99 4.09
N ASN B 113 32.78 11.13 4.75
CA ASN B 113 32.63 10.79 6.17
C ASN B 113 33.21 11.91 7.03
N LYS B 122 39.06 12.07 12.01
CA LYS B 122 39.52 11.69 10.67
C LYS B 122 38.34 11.60 9.65
N ASN B 123 38.61 11.93 8.38
CA ASN B 123 37.62 11.98 7.29
C ASN B 123 37.92 11.03 6.12
N PHE B 124 36.87 10.53 5.45
CA PHE B 124 37.03 9.60 4.33
C PHE B 124 36.17 9.91 3.10
N LEU B 125 36.64 9.42 1.94
CA LEU B 125 35.95 9.46 0.66
C LEU B 125 35.49 8.03 0.38
N LEU B 126 34.18 7.80 0.52
CA LEU B 126 33.53 6.49 0.30
C LEU B 126 33.02 6.43 -1.15
N VAL B 127 33.28 5.31 -1.84
CA VAL B 127 32.91 5.14 -3.26
C VAL B 127 32.12 3.83 -3.41
N GLY B 128 30.87 3.96 -3.86
CA GLY B 128 30.01 2.82 -4.13
C GLY B 128 30.09 2.54 -5.61
N THR B 129 30.16 1.25 -6.01
CA THR B 129 30.24 0.86 -7.44
C THR B 129 29.02 0.04 -7.86
N ALA B 130 28.86 -0.13 -9.19
CA ALA B 130 27.78 -0.87 -9.83
C ALA B 130 27.87 -2.38 -9.57
N ASP B 131 29.06 -2.90 -9.13
CA ASP B 131 29.22 -4.31 -8.80
C ASP B 131 29.30 -4.53 -7.25
N GLY B 132 28.53 -3.73 -6.53
CA GLY B 132 28.36 -3.78 -5.09
C GLY B 132 29.61 -3.74 -4.24
N LYS B 133 30.52 -2.84 -4.59
CA LYS B 133 31.78 -2.64 -3.88
C LYS B 133 31.83 -1.25 -3.24
N LEU B 134 32.53 -1.15 -2.11
CA LEU B 134 32.72 0.11 -1.42
C LEU B 134 34.22 0.38 -1.20
N ALA B 135 34.76 1.37 -1.93
CA ALA B 135 36.17 1.79 -1.83
C ALA B 135 36.26 2.90 -0.82
N ILE B 136 37.25 2.80 0.08
CA ILE B 136 37.46 3.79 1.13
C ILE B 136 38.81 4.48 0.93
N PHE B 137 38.77 5.81 0.68
CA PHE B 137 39.97 6.65 0.54
C PHE B 137 39.96 7.62 1.71
N GLU B 138 41.14 8.06 2.16
CA GLU B 138 41.25 9.07 3.21
C GLU B 138 41.48 10.41 2.51
N ASP B 139 41.05 11.52 3.15
CA ASP B 139 41.23 12.91 2.68
C ASP B 139 42.62 13.13 2.04
N LYS B 140 43.70 12.80 2.80
CA LYS B 140 45.12 12.96 2.44
C LYS B 140 45.57 12.10 1.23
N THR B 141 44.71 11.18 0.74
CA THR B 141 44.98 10.26 -0.36
C THR B 141 44.34 10.81 -1.66
N VAL B 142 43.28 11.62 -1.55
CA VAL B 142 42.53 12.23 -2.67
C VAL B 142 43.45 13.15 -3.52
N LYS B 143 44.42 13.78 -2.86
CA LYS B 143 45.41 14.71 -3.42
C LYS B 143 46.45 14.03 -4.33
N LEU B 144 46.64 12.70 -4.20
CA LEU B 144 47.68 11.99 -4.92
C LEU B 144 47.19 11.26 -6.17
N LYS B 145 47.90 11.44 -7.29
CA LYS B 145 47.58 10.80 -8.57
C LYS B 145 47.68 9.29 -8.45
N GLY B 146 46.74 8.58 -9.05
CA GLY B 146 46.69 7.12 -9.06
C GLY B 146 46.56 6.42 -7.72
N ALA B 147 46.30 7.19 -6.63
CA ALA B 147 46.14 6.68 -5.27
C ALA B 147 45.10 5.59 -5.16
N ALA B 148 45.45 4.52 -4.44
CA ALA B 148 44.58 3.37 -4.25
C ALA B 148 43.83 3.44 -2.89
N PRO B 149 42.65 2.78 -2.76
CA PRO B 149 41.93 2.82 -1.48
C PRO B 149 42.63 2.05 -0.34
N LEU B 150 42.22 2.36 0.90
CA LEU B 150 42.67 1.72 2.14
C LEU B 150 42.20 0.25 2.10
N LYS B 151 40.93 0.03 1.70
CA LYS B 151 40.28 -1.27 1.54
C LYS B 151 39.08 -1.16 0.56
N ILE B 152 38.58 -2.32 0.08
CA ILE B 152 37.46 -2.47 -0.84
C ILE B 152 36.53 -3.54 -0.25
N LEU B 153 35.31 -3.12 0.12
CA LEU B 153 34.26 -3.94 0.72
C LEU B 153 33.38 -4.54 -0.36
N ASN B 154 33.46 -5.87 -0.57
CA ASN B 154 32.59 -6.50 -1.56
C ASN B 154 31.30 -6.92 -0.87
N ILE B 155 30.31 -6.00 -0.88
CA ILE B 155 29.01 -6.12 -0.24
C ILE B 155 28.06 -6.95 -1.11
N GLY B 156 28.02 -6.64 -2.40
CA GLY B 156 27.16 -7.35 -3.34
C GLY B 156 27.93 -8.03 -4.43
N ASN B 157 27.33 -8.06 -5.63
CA ASN B 157 27.87 -8.67 -6.84
C ASN B 157 27.59 -7.75 -8.04
N VAL B 158 27.99 -8.18 -9.26
CA VAL B 158 27.80 -7.42 -10.51
C VAL B 158 26.32 -7.09 -10.78
N SER B 159 25.38 -7.92 -10.26
CA SER B 159 23.96 -7.70 -10.47
C SER B 159 23.34 -6.74 -9.42
N THR B 160 24.13 -6.28 -8.41
CA THR B 160 23.64 -5.36 -7.37
C THR B 160 24.52 -4.09 -7.27
N PRO B 161 23.97 -2.88 -7.50
CA PRO B 161 24.80 -1.68 -7.38
C PRO B 161 24.68 -0.97 -6.01
N LEU B 162 25.79 -0.36 -5.52
CA LEU B 162 25.79 0.35 -4.23
C LEU B 162 25.38 1.78 -4.53
N MET B 163 24.09 2.06 -4.36
CA MET B 163 23.40 3.29 -4.75
C MET B 163 23.47 4.47 -3.80
N CYS B 164 23.50 4.25 -2.48
CA CYS B 164 23.43 5.35 -1.52
C CYS B 164 24.16 5.04 -0.24
N LEU B 165 24.38 6.12 0.53
CA LEU B 165 25.05 6.17 1.83
C LEU B 165 24.41 7.30 2.64
N SER B 166 24.31 7.13 3.95
CA SER B 166 23.73 8.12 4.87
C SER B 166 24.27 7.93 6.31
N GLU B 167 23.97 8.89 7.21
CA GLU B 167 24.36 8.85 8.63
C GLU B 167 23.33 9.61 9.47
N SER B 168 23.22 9.27 10.78
CA SER B 168 22.27 9.94 11.67
C SER B 168 22.77 11.35 12.02
N THR B 169 22.13 12.38 11.42
CA THR B 169 22.46 13.80 11.61
C THR B 169 21.22 14.68 11.40
N ASN B 175 31.99 6.48 14.37
CA ASN B 175 30.56 6.67 14.17
C ASN B 175 29.87 5.37 13.64
N VAL B 176 28.75 5.53 12.88
CA VAL B 176 27.97 4.44 12.29
C VAL B 176 27.37 4.93 10.98
N MET B 177 27.73 4.26 9.88
CA MET B 177 27.29 4.58 8.52
C MET B 177 26.31 3.52 7.99
N TRP B 178 25.29 3.95 7.23
CA TRP B 178 24.31 3.07 6.59
C TRP B 178 24.32 3.28 5.08
N GLY B 179 24.18 2.21 4.33
CA GLY B 179 24.16 2.23 2.88
C GLY B 179 23.18 1.25 2.30
N GLY B 180 22.90 1.40 1.00
CA GLY B 180 22.02 0.52 0.27
C GLY B 180 22.71 -0.19 -0.87
N CYS B 181 22.56 -1.51 -0.94
CA CYS B 181 23.13 -2.34 -1.99
C CYS B 181 22.05 -3.33 -2.39
N GLY B 182 21.58 -3.23 -3.62
CA GLY B 182 20.50 -4.07 -4.14
C GLY B 182 19.25 -3.93 -3.29
N THR B 183 18.79 -5.03 -2.71
CA THR B 183 17.62 -4.99 -1.86
C THR B 183 18.05 -5.09 -0.39
N LYS B 184 19.35 -4.87 -0.11
CA LYS B 184 19.90 -4.97 1.23
C LYS B 184 20.32 -3.63 1.82
N ILE B 185 20.10 -3.47 3.13
CA ILE B 185 20.51 -2.35 3.96
C ILE B 185 21.77 -2.86 4.70
N PHE B 186 22.88 -2.10 4.65
CA PHE B 186 24.08 -2.51 5.36
C PHE B 186 24.64 -1.39 6.21
N SER B 187 25.29 -1.77 7.32
CA SER B 187 25.94 -0.84 8.23
C SER B 187 27.43 -1.21 8.40
N PHE B 188 28.28 -0.18 8.52
CA PHE B 188 29.72 -0.34 8.75
C PHE B 188 30.19 0.75 9.71
N SER B 189 31.42 0.60 10.27
CA SER B 189 31.95 1.54 11.27
C SER B 189 33.43 1.89 11.04
N ASN B 190 34.11 2.40 12.09
CA ASN B 190 35.53 2.80 12.13
C ASN B 190 36.45 1.68 11.63
N ASP B 191 36.08 0.42 11.92
CA ASP B 191 36.78 -0.81 11.52
C ASP B 191 36.57 -1.12 10.01
N PHE B 192 35.52 -0.52 9.40
CA PHE B 192 35.12 -0.67 8.00
C PHE B 192 34.79 -2.14 7.65
N THR B 193 34.09 -2.84 8.58
CA THR B 193 33.65 -4.22 8.40
C THR B 193 32.12 -4.21 8.51
N ILE B 194 31.42 -4.87 7.56
CA ILE B 194 29.94 -4.92 7.53
C ILE B 194 29.44 -5.51 8.82
N GLN B 195 28.56 -4.76 9.51
CA GLN B 195 27.99 -5.16 10.78
C GLN B 195 26.59 -5.70 10.52
N LYS B 196 25.62 -4.81 10.30
CA LYS B 196 24.25 -5.18 9.99
C LYS B 196 24.11 -5.30 8.49
N LEU B 197 23.48 -6.39 8.05
CA LEU B 197 23.17 -6.70 6.65
C LEU B 197 21.73 -7.24 6.64
N ILE B 198 20.76 -6.32 6.46
CA ILE B 198 19.31 -6.56 6.45
C ILE B 198 18.78 -6.75 5.04
N GLU B 199 18.12 -7.90 4.78
CA GLU B 199 17.48 -8.15 3.48
C GLU B 199 16.09 -7.50 3.53
N THR B 200 15.79 -6.55 2.60
CA THR B 200 14.51 -5.84 2.64
C THR B 200 13.39 -6.49 1.79
N ARG B 201 13.71 -7.49 0.93
CA ARG B 201 12.71 -8.22 0.12
C ARG B 201 11.58 -8.84 0.97
N THR B 202 11.80 -8.92 2.30
CA THR B 202 10.95 -9.47 3.36
C THR B 202 9.63 -8.63 3.51
N SER B 203 9.64 -7.39 2.98
CA SER B 203 8.51 -6.45 3.04
C SER B 203 7.35 -6.86 2.14
N GLN B 204 7.60 -7.79 1.19
CA GLN B 204 6.65 -8.39 0.23
C GLN B 204 5.29 -8.76 0.87
N LEU B 205 5.30 -9.16 2.15
CA LEU B 205 4.11 -9.56 2.88
C LEU B 205 3.15 -8.39 3.12
N PHE B 206 3.70 -7.15 3.28
CA PHE B 206 2.94 -5.93 3.60
C PHE B 206 2.87 -4.96 2.43
N SER B 207 3.94 -4.89 1.65
CA SER B 207 4.01 -4.04 0.48
C SER B 207 3.70 -4.88 -0.75
N TYR B 208 3.50 -4.24 -1.92
CA TYR B 208 3.30 -4.90 -3.20
C TYR B 208 4.68 -5.52 -3.57
N ALA B 209 4.67 -6.80 -3.95
CA ALA B 209 5.85 -7.60 -4.24
C ALA B 209 6.82 -6.94 -5.21
N ALA B 210 6.32 -6.35 -6.33
CA ALA B 210 7.18 -5.70 -7.33
C ALA B 210 8.00 -4.54 -6.74
N PHE B 211 7.42 -3.76 -5.81
CA PHE B 211 8.12 -2.65 -5.15
C PHE B 211 9.19 -3.16 -4.18
N SER B 212 8.89 -4.24 -3.43
CA SER B 212 9.82 -4.88 -2.48
C SER B 212 11.08 -5.45 -3.14
N ASP B 213 10.95 -6.04 -4.34
CA ASP B 213 12.05 -6.66 -5.07
C ASP B 213 12.92 -5.64 -5.82
N SER B 214 12.52 -4.35 -5.82
CA SER B 214 13.28 -3.27 -6.47
C SER B 214 14.52 -2.88 -5.66
N ASN B 215 15.55 -2.33 -6.35
CA ASN B 215 16.79 -1.90 -5.72
C ASN B 215 16.56 -0.64 -4.94
N ILE B 216 17.22 -0.53 -3.76
CA ILE B 216 17.18 0.63 -2.87
C ILE B 216 17.88 1.78 -3.60
N ILE B 217 17.23 2.94 -3.74
CA ILE B 217 17.84 4.06 -4.45
C ILE B 217 18.31 5.09 -3.42
N THR B 218 17.55 5.32 -2.34
CA THR B 218 17.95 6.26 -1.30
C THR B 218 17.65 5.64 0.10
N VAL B 219 18.37 6.14 1.13
CA VAL B 219 18.28 5.78 2.55
C VAL B 219 18.44 7.07 3.36
N VAL B 220 17.59 7.25 4.40
CA VAL B 220 17.72 8.36 5.33
C VAL B 220 17.67 7.76 6.73
N VAL B 221 18.60 8.18 7.59
CA VAL B 221 18.73 7.66 8.94
C VAL B 221 18.30 8.70 9.97
N ASP B 222 17.21 8.40 10.72
CA ASP B 222 16.68 9.17 11.86
C ASP B 222 16.51 8.15 13.02
N THR B 223 15.32 7.98 13.62
CA THR B 223 15.08 6.98 14.68
C THR B 223 14.99 5.58 14.02
N ALA B 224 14.62 5.57 12.73
CA ALA B 224 14.47 4.39 11.91
C ALA B 224 15.18 4.65 10.59
N LEU B 225 15.19 3.63 9.72
CA LEU B 225 15.74 3.76 8.37
C LEU B 225 14.55 3.84 7.44
N TYR B 226 14.47 4.96 6.70
CA TYR B 226 13.44 5.22 5.70
C TYR B 226 14.13 4.97 4.39
N ILE B 227 13.62 4.03 3.58
CA ILE B 227 14.30 3.68 2.33
C ILE B 227 13.32 3.76 1.13
N ALA B 228 13.82 4.24 -0.03
CA ALA B 228 13.03 4.32 -1.25
C ALA B 228 13.61 3.31 -2.23
N LYS B 229 12.75 2.75 -3.11
CA LYS B 229 13.22 1.77 -4.10
C LYS B 229 12.89 2.24 -5.51
N GLN B 230 13.59 1.71 -6.52
CA GLN B 230 13.45 2.00 -7.96
C GLN B 230 12.02 1.73 -8.44
N ASN B 231 11.34 2.74 -9.01
CA ASN B 231 9.97 2.64 -9.56
C ASN B 231 8.98 2.17 -8.48
N SER B 232 8.98 2.84 -7.34
CA SER B 232 8.14 2.47 -6.23
C SER B 232 7.62 3.70 -5.50
N PRO B 233 6.29 3.76 -5.27
CA PRO B 233 5.72 4.89 -4.51
C PRO B 233 5.79 4.68 -3.00
N VAL B 234 6.30 3.52 -2.58
CA VAL B 234 6.35 3.09 -1.18
C VAL B 234 7.73 3.30 -0.57
N VAL B 235 7.75 4.06 0.55
CA VAL B 235 8.93 4.28 1.41
C VAL B 235 8.78 3.23 2.52
N GLU B 236 9.73 2.28 2.61
CA GLU B 236 9.76 1.24 3.64
C GLU B 236 10.43 1.79 4.88
N VAL B 237 9.84 1.55 6.06
CA VAL B 237 10.40 2.01 7.33
C VAL B 237 10.91 0.79 8.13
N TRP B 238 12.25 0.73 8.40
CA TRP B 238 12.92 -0.37 9.10
C TRP B 238 13.52 0.06 10.45
N ASP B 239 13.35 -0.80 11.47
CA ASP B 239 13.89 -0.59 12.81
C ASP B 239 15.38 -0.91 12.81
N LYS B 240 16.21 0.01 13.35
CA LYS B 240 17.67 -0.18 13.40
C LYS B 240 18.09 -1.29 14.37
N LYS B 241 17.35 -1.48 15.49
CA LYS B 241 17.64 -2.45 16.53
C LYS B 241 17.08 -3.85 16.27
N THR B 242 15.78 -3.97 15.84
CA THR B 242 15.11 -5.27 15.56
C THR B 242 15.44 -5.81 14.16
N GLU B 243 15.73 -4.92 13.19
CA GLU B 243 16.06 -5.24 11.78
C GLU B 243 14.84 -5.85 11.08
N LYS B 244 13.67 -5.29 11.38
CA LYS B 244 12.38 -5.69 10.86
C LYS B 244 11.63 -4.48 10.30
N LEU B 245 10.71 -4.71 9.34
CA LEU B 245 9.89 -3.64 8.79
C LEU B 245 8.94 -3.16 9.88
N CYS B 246 9.04 -1.89 10.27
CA CYS B 246 8.17 -1.38 11.32
C CYS B 246 7.15 -0.36 10.76
N GLY B 247 7.15 -0.15 9.45
CA GLY B 247 6.22 0.76 8.82
C GLY B 247 6.32 0.92 7.31
N LEU B 248 5.27 1.53 6.75
CA LEU B 248 5.12 1.81 5.31
C LEU B 248 4.43 3.13 5.10
N ILE B 249 4.97 3.91 4.17
CA ILE B 249 4.46 5.20 3.70
C ILE B 249 4.24 5.03 2.17
N ASP B 250 2.97 5.02 1.76
CA ASP B 250 2.55 4.85 0.37
C ASP B 250 2.12 6.20 -0.14
N CYS B 251 2.91 6.75 -1.08
CA CYS B 251 2.69 8.06 -1.64
C CYS B 251 1.49 8.13 -2.53
N VAL B 252 1.07 7.02 -3.15
CA VAL B 252 -0.12 6.96 -3.98
C VAL B 252 -1.35 7.37 -3.14
N HIS B 253 -1.50 6.81 -1.93
CA HIS B 253 -2.63 7.13 -1.04
C HIS B 253 -2.47 8.52 -0.41
N PHE B 254 -1.25 8.95 -0.04
CA PHE B 254 -1.11 10.28 0.54
C PHE B 254 -1.46 11.37 -0.49
N LEU B 255 -1.15 11.15 -1.77
CA LEU B 255 -1.46 12.09 -2.84
C LEU B 255 -2.95 12.13 -3.23
N ARG B 256 -3.63 10.96 -3.28
CA ARG B 256 -5.04 10.90 -3.70
C ARG B 256 -6.04 11.39 -2.64
N GLU B 257 -5.65 11.35 -1.34
CA GLU B 257 -6.49 11.76 -0.20
C GLU B 257 -5.75 12.77 0.70
N LYS B 269 -5.03 13.57 -11.12
CA LYS B 269 -5.52 13.72 -9.76
C LYS B 269 -5.61 12.35 -9.03
N MET B 270 -6.04 11.30 -9.78
CA MET B 270 -6.17 9.90 -9.34
C MET B 270 -5.15 9.03 -10.12
N SER B 271 -4.58 9.61 -11.19
CA SER B 271 -3.65 8.96 -12.11
C SER B 271 -2.18 8.95 -11.60
N TYR B 272 -1.89 9.66 -10.49
CA TYR B 272 -0.55 9.77 -9.90
C TYR B 272 0.15 8.42 -9.71
N SER B 273 1.37 8.28 -10.27
CA SER B 273 2.23 7.10 -10.14
C SER B 273 2.78 7.03 -8.71
N GLY B 274 2.99 8.23 -8.12
CA GLY B 274 3.55 8.48 -6.80
C GLY B 274 4.96 7.98 -6.58
N ARG B 275 5.70 7.63 -7.69
CA ARG B 275 7.06 7.08 -7.59
C ARG B 275 8.00 7.99 -6.79
N VAL B 276 8.70 7.43 -5.80
CA VAL B 276 9.64 8.20 -4.97
C VAL B 276 10.97 8.32 -5.74
N LYS B 277 11.48 9.57 -5.87
CA LYS B 277 12.75 9.86 -6.53
C LYS B 277 13.75 10.32 -5.52
N THR B 278 13.26 10.97 -4.46
CA THR B 278 14.12 11.61 -3.46
C THR B 278 13.47 11.62 -2.06
N LEU B 279 14.29 11.30 -1.06
CA LEU B 279 13.97 11.28 0.36
C LEU B 279 14.91 12.28 1.04
N CYS B 280 14.38 13.14 1.90
CA CYS B 280 15.23 14.15 2.56
C CYS B 280 14.71 14.52 3.95
N LEU B 281 15.51 14.22 4.98
CA LEU B 281 15.19 14.58 6.36
C LEU B 281 15.50 16.05 6.62
N GLN B 282 14.58 16.75 7.30
CA GLN B 282 14.78 18.13 7.73
C GLN B 282 14.71 18.11 9.26
N LYS B 283 15.81 18.56 9.92
CA LYS B 283 15.97 18.60 11.39
C LYS B 283 15.54 17.26 12.03
N ASN B 284 14.59 17.33 12.96
CA ASN B 284 14.06 16.16 13.63
C ASN B 284 12.56 16.02 13.32
N THR B 285 12.12 14.78 13.10
CA THR B 285 10.74 14.35 12.86
C THR B 285 10.11 14.95 11.56
N ALA B 286 10.93 15.35 10.56
CA ALA B 286 10.39 15.86 9.29
C ALA B 286 11.07 15.24 8.09
N LEU B 287 10.26 14.65 7.19
CA LEU B 287 10.73 13.99 5.97
C LEU B 287 10.04 14.54 4.73
N TRP B 288 10.87 15.01 3.79
CA TRP B 288 10.49 15.53 2.48
C TRP B 288 10.57 14.35 1.50
N ILE B 289 9.52 14.21 0.67
CA ILE B 289 9.41 13.16 -0.35
C ILE B 289 9.09 13.83 -1.68
N GLY B 290 9.96 13.66 -2.66
CA GLY B 290 9.75 14.16 -4.01
C GLY B 290 9.35 13.03 -4.93
N THR B 291 8.33 13.25 -5.78
CA THR B 291 7.84 12.19 -6.66
C THR B 291 8.20 12.46 -8.16
N GLY B 292 8.16 11.40 -8.97
CA GLY B 292 8.39 11.42 -10.41
C GLY B 292 7.36 12.24 -11.17
N GLY B 293 6.20 12.44 -10.55
CA GLY B 293 5.11 13.26 -11.07
C GLY B 293 5.22 14.71 -10.65
N GLY B 294 6.34 15.06 -10.03
CA GLY B 294 6.64 16.44 -9.65
C GLY B 294 5.94 16.99 -8.43
N HIS B 295 5.56 16.12 -7.50
CA HIS B 295 4.93 16.58 -6.28
C HIS B 295 5.91 16.44 -5.12
N ILE B 296 5.70 17.24 -4.06
CA ILE B 296 6.53 17.22 -2.86
C ILE B 296 5.65 17.05 -1.65
N LEU B 297 5.91 16.01 -0.84
CA LEU B 297 5.15 15.82 0.40
C LEU B 297 6.07 15.90 1.59
N LEU B 298 5.60 16.61 2.63
CA LEU B 298 6.29 16.77 3.90
C LEU B 298 5.47 16.06 4.97
N LEU B 299 6.10 15.07 5.60
CA LEU B 299 5.49 14.26 6.66
C LEU B 299 6.11 14.58 7.98
N ASP B 300 5.30 14.54 9.03
CA ASP B 300 5.77 14.68 10.40
C ASP B 300 5.91 13.24 10.84
N LEU B 301 7.14 12.83 11.15
CA LEU B 301 7.42 11.46 11.57
C LEU B 301 6.92 11.16 12.99
N SER B 302 6.84 12.20 13.85
CA SER B 302 6.37 12.10 15.23
C SER B 302 4.88 11.82 15.28
N THR B 303 4.10 12.41 14.36
CA THR B 303 2.66 12.22 14.33
C THR B 303 2.19 11.33 13.15
N ARG B 304 3.13 10.90 12.25
CA ARG B 304 2.84 10.04 11.08
C ARG B 304 1.77 10.69 10.16
N ARG B 305 1.74 12.02 10.14
CA ARG B 305 0.76 12.79 9.40
C ARG B 305 1.39 13.72 8.36
N LEU B 306 0.72 13.83 7.21
CA LEU B 306 1.05 14.70 6.10
C LEU B 306 0.85 16.15 6.55
N ILE B 307 1.93 16.96 6.57
CA ILE B 307 1.89 18.38 6.98
C ILE B 307 1.43 19.25 5.80
N ARG B 308 2.13 19.10 4.68
CA ARG B 308 1.95 19.88 3.47
C ARG B 308 2.29 19.03 2.26
N VAL B 309 1.57 19.24 1.15
CA VAL B 309 1.81 18.65 -0.16
C VAL B 309 1.83 19.77 -1.17
N ILE B 310 2.94 19.87 -1.90
CA ILE B 310 3.11 20.81 -2.99
C ILE B 310 2.93 20.00 -4.28
N TYR B 311 1.71 20.03 -4.86
CA TYR B 311 1.39 19.34 -6.11
C TYR B 311 1.92 20.16 -7.27
N ASN B 312 2.37 19.46 -8.34
CA ASN B 312 2.85 20.03 -9.59
C ASN B 312 3.99 21.05 -9.39
N PHE B 313 4.85 20.84 -8.35
CA PHE B 313 6.02 21.71 -8.06
C PHE B 313 6.79 22.00 -9.36
N CYS B 314 6.95 20.95 -10.20
CA CYS B 314 7.52 20.88 -11.54
C CYS B 314 6.90 19.60 -12.17
N ASN B 315 7.38 19.15 -13.34
CA ASN B 315 6.81 17.95 -13.97
C ASN B 315 7.38 16.66 -13.36
N SER B 316 8.63 16.69 -12.85
CA SER B 316 9.30 15.57 -12.19
C SER B 316 10.42 16.09 -11.26
N VAL B 317 10.42 15.68 -9.97
CA VAL B 317 11.43 16.06 -8.97
C VAL B 317 12.58 15.05 -9.11
N ARG B 318 13.84 15.52 -9.27
CA ARG B 318 15.01 14.68 -9.52
C ARG B 318 15.97 14.49 -8.31
N VAL B 319 16.30 15.59 -7.58
CA VAL B 319 17.23 15.64 -6.44
C VAL B 319 16.66 16.61 -5.38
N MET B 320 16.79 16.26 -4.08
CA MET B 320 16.40 17.11 -2.97
C MET B 320 17.40 16.98 -1.85
N MET B 321 18.15 18.05 -1.64
CA MET B 321 19.22 18.03 -0.66
C MET B 321 19.40 19.34 0.07
N THR B 322 19.99 19.24 1.23
CA THR B 322 20.38 20.29 2.15
C THR B 322 21.80 20.73 1.75
N ALA B 323 22.12 22.02 1.87
CA ALA B 323 23.45 22.57 1.57
C ALA B 323 23.86 23.70 2.51
N GLN B 324 25.11 23.66 3.00
CA GLN B 324 25.69 24.73 3.81
C GLN B 324 26.43 25.58 2.78
N LEU B 325 25.94 26.81 2.53
CA LEU B 325 26.48 27.68 1.48
C LEU B 325 27.51 28.70 1.99
N GLY B 326 27.39 29.10 3.25
CA GLY B 326 28.29 30.06 3.88
C GLY B 326 28.28 29.89 5.38
N SER B 327 28.77 30.91 6.11
CA SER B 327 28.78 30.84 7.57
C SER B 327 27.33 30.88 8.05
N LEU B 328 26.87 29.76 8.62
CA LEU B 328 25.54 29.59 9.21
C LEU B 328 24.40 29.83 8.19
N LYS B 329 24.67 29.64 6.89
CA LYS B 329 23.71 29.77 5.81
C LYS B 329 23.39 28.36 5.32
N ASN B 330 22.28 27.81 5.83
CA ASN B 330 21.77 26.46 5.59
C ASN B 330 20.50 26.60 4.73
N VAL B 331 20.51 25.94 3.56
CA VAL B 331 19.53 26.03 2.50
C VAL B 331 19.08 24.64 1.98
N MET B 332 17.85 24.56 1.47
CA MET B 332 17.29 23.39 0.82
C MET B 332 17.36 23.66 -0.70
N LEU B 333 17.88 22.66 -1.46
CA LEU B 333 18.01 22.67 -2.90
C LEU B 333 17.16 21.57 -3.53
N VAL B 334 16.27 21.94 -4.47
CA VAL B 334 15.41 21.00 -5.20
C VAL B 334 15.74 21.12 -6.70
N LEU B 335 16.10 20.00 -7.31
CA LEU B 335 16.33 19.94 -8.73
C LEU B 335 15.16 19.20 -9.38
N GLY B 336 14.47 19.88 -10.26
CA GLY B 336 13.35 19.29 -11.00
C GLY B 336 13.42 19.62 -12.47
N TYR B 337 12.67 18.91 -13.32
CA TYR B 337 12.64 19.25 -14.74
C TYR B 337 11.20 19.26 -15.27
N ASN B 338 11.00 19.98 -16.39
CA ASN B 338 9.71 20.17 -17.07
C ASN B 338 9.76 19.67 -18.54
N ARG B 339 8.57 19.55 -19.19
CA ARG B 339 8.46 19.07 -20.58
C ARG B 339 7.88 20.14 -21.51
N GLU B 350 12.34 18.24 -25.68
CA GLU B 350 12.69 19.48 -25.01
C GLU B 350 12.58 19.36 -23.47
N ILE B 351 13.72 19.50 -22.75
CA ILE B 351 13.81 19.43 -21.28
C ILE B 351 14.14 20.79 -20.68
N GLN B 352 13.47 21.14 -19.58
CA GLN B 352 13.79 22.35 -18.86
C GLN B 352 14.00 22.03 -17.37
N SER B 353 15.27 21.94 -16.97
CA SER B 353 15.67 21.70 -15.59
C SER B 353 15.68 23.02 -14.82
N CYS B 354 15.22 22.98 -13.57
CA CYS B 354 15.13 24.12 -12.67
C CYS B 354 15.68 23.79 -11.30
N LEU B 355 16.37 24.77 -10.70
CA LEU B 355 16.92 24.63 -9.36
C LEU B 355 16.16 25.59 -8.44
N THR B 356 15.47 25.04 -7.44
CA THR B 356 14.75 25.85 -6.46
C THR B 356 15.59 25.87 -5.17
N VAL B 357 15.75 27.06 -4.61
CA VAL B 357 16.49 27.35 -3.39
C VAL B 357 15.55 28.01 -2.35
N TRP B 358 15.61 27.56 -1.09
CA TRP B 358 14.90 28.20 0.02
C TRP B 358 15.64 27.98 1.34
N ASP B 359 15.52 28.94 2.27
CA ASP B 359 16.15 28.81 3.58
C ASP B 359 15.48 27.71 4.41
N ILE B 360 16.30 26.78 4.92
CA ILE B 360 15.83 25.66 5.72
C ILE B 360 15.73 26.18 7.15
N ASN B 361 14.50 26.55 7.53
CA ASN B 361 14.11 27.10 8.83
C ASN B 361 14.02 25.97 9.87
N3 A1AUU C . -0.26 -16.83 9.69
C4 A1AUU C . -0.82 -17.88 9.09
C5 A1AUU C . -0.75 -17.94 7.59
C6 A1AUU C . -0.03 -16.69 7.03
C7 A1AUU C . 0.25 -16.82 5.54
C10 A1AUU C . -1.02 -14.94 2.56
C13 A1AUU C . -0.90 -14.65 5.25
C15 A1AUU C . 0.43 -11.51 2.40
C17 A1AUU C . -0.14 -11.18 0.27
C20 A1AUU C . -1.82 -12.50 -1.42
C21 A1AUU C . -1.72 -12.97 -0.12
C22 A1AUU C . -0.86 -12.31 0.74
C1 A1AUU C . 1.27 -16.45 7.81
C2 A1AUU C . 0.92 -16.08 9.25
N8 A1AUU C . -0.21 -15.84 4.73
C9 A1AUU C . 0.02 -15.79 3.28
C11 A1AUU C . -1.07 -13.50 3.08
C12 A1AUU C . -0.48 -13.41 4.48
C14 A1AUU C . -0.47 -12.50 2.12
N16 A1AUU C . 0.63 -10.72 1.30
C18 A1AUU C . -0.28 -10.72 -1.04
C19 A1AUU C . -1.13 -11.40 -1.91
F23 A1AUU C . -2.62 -13.20 -2.28
O24 A1AUU C . 0.92 -17.74 5.11
O25 A1AUU C . -1.36 -18.78 9.73
UNK UNX D . -46.43 -5.59 5.27
UNK UNX E . -11.57 -0.14 -8.62
N3 A1AUU F . 10.69 2.11 17.46
C4 A1AUU F . 11.34 2.65 16.43
C5 A1AUU F . 10.84 3.96 15.91
C6 A1AUU F . 9.30 3.91 15.82
C7 A1AUU F . 8.78 5.25 15.32
C10 A1AUU F . 7.12 6.52 12.46
C13 A1AUU F . 9.14 4.50 12.95
C15 A1AUU F . 5.58 4.09 10.32
C17 A1AUU F . 4.49 5.61 9.10
C20 A1AUU F . 4.93 8.25 8.59
C21 A1AUU F . 5.83 7.59 9.40
C22 A1AUU F . 5.61 6.24 9.66
C1 A1AUU F . 8.70 3.54 17.19
C2 A1AUU F . 9.25 2.23 17.74
N8 A1AUU F . 8.74 5.47 13.99
C9 A1AUU F . 8.30 6.74 13.39
C11 A1AUU F . 7.46 5.50 11.37
C12 A1AUU F . 7.97 4.20 12.02
C14 A1AUU F . 6.31 5.25 10.45
N16 A1AUU F . 4.50 4.29 9.51
C18 A1AUU F . 3.58 6.29 8.29
C19 A1AUU F . 3.81 7.64 8.03
F23 A1AUU F . 5.15 9.55 8.31
O24 A1AUU F . 8.43 6.11 16.12
O25 A1AUU F . 12.29 2.08 15.90
#